data_6QLC
# 
_entry.id   6QLC 
# 
_audit_conform.dict_name       mmcif_pdbx.dic 
_audit_conform.dict_version    5.392 
_audit_conform.dict_location   http://mmcif.pdb.org/dictionaries/ascii/mmcif_pdbx.dic 
# 
loop_
_database_2.database_id 
_database_2.database_code 
_database_2.pdbx_database_accession 
_database_2.pdbx_DOI 
PDB   6QLC         pdb_00006qlc 10.2210/pdb6qlc/pdb 
WWPDB D_1292100305 ?            ?                   
# 
loop_
_pdbx_audit_revision_history.ordinal 
_pdbx_audit_revision_history.data_content_type 
_pdbx_audit_revision_history.major_revision 
_pdbx_audit_revision_history.minor_revision 
_pdbx_audit_revision_history.revision_date 
1 'Structure model' 1 0 2019-10-30 
2 'Structure model' 1 1 2019-11-27 
3 'Structure model' 1 2 2020-01-15 
4 'Structure model' 1 3 2024-05-15 
# 
_pdbx_audit_revision_details.ordinal             1 
_pdbx_audit_revision_details.revision_ordinal    1 
_pdbx_audit_revision_details.data_content_type   'Structure model' 
_pdbx_audit_revision_details.provider            repository 
_pdbx_audit_revision_details.type                'Initial release' 
_pdbx_audit_revision_details.description         ? 
_pdbx_audit_revision_details.details             ? 
# 
loop_
_pdbx_audit_revision_group.ordinal 
_pdbx_audit_revision_group.revision_ordinal 
_pdbx_audit_revision_group.data_content_type 
_pdbx_audit_revision_group.group 
1 2 'Structure model' 'Database references' 
2 3 'Structure model' 'Database references' 
3 4 'Structure model' Advisory              
4 4 'Structure model' 'Data collection'     
5 4 'Structure model' 'Database references' 
# 
loop_
_pdbx_audit_revision_category.ordinal 
_pdbx_audit_revision_category.revision_ordinal 
_pdbx_audit_revision_category.data_content_type 
_pdbx_audit_revision_category.category 
1 2 'Structure model' citation                     
2 2 'Structure model' citation_author              
3 3 'Structure model' citation                     
4 4 'Structure model' chem_comp_atom               
5 4 'Structure model' chem_comp_bond               
6 4 'Structure model' database_2                   
7 4 'Structure model' pdbx_unobs_or_zero_occ_atoms 
# 
loop_
_pdbx_audit_revision_item.ordinal 
_pdbx_audit_revision_item.revision_ordinal 
_pdbx_audit_revision_item.data_content_type 
_pdbx_audit_revision_item.item 
1  2 'Structure model' '_citation.country'                   
2  2 'Structure model' '_citation.journal_abbrev'            
3  2 'Structure model' '_citation.journal_id_ASTM'           
4  2 'Structure model' '_citation.journal_id_CSD'            
5  2 'Structure model' '_citation.journal_id_ISSN'           
6  2 'Structure model' '_citation.pdbx_database_id_DOI'      
7  2 'Structure model' '_citation.pdbx_database_id_PubMed'   
8  2 'Structure model' '_citation.title'                     
9  2 'Structure model' '_citation.year'                      
10 2 'Structure model' '_citation_author.name'               
11 3 'Structure model' '_citation.journal_volume'            
12 3 'Structure model' '_citation.page_first'                
13 3 'Structure model' '_citation.page_last'                 
14 3 'Structure model' '_citation.year'                      
15 4 'Structure model' '_database_2.pdbx_DOI'                
16 4 'Structure model' '_database_2.pdbx_database_accession' 
# 
_pdbx_database_status.status_code                     REL 
_pdbx_database_status.status_code_sf                  REL 
_pdbx_database_status.status_code_mr                  ? 
_pdbx_database_status.entry_id                        6QLC 
_pdbx_database_status.recvd_initial_deposition_date   2019-01-31 
_pdbx_database_status.SG_entry                        N 
_pdbx_database_status.deposit_site                    PDBE 
_pdbx_database_status.process_site                    PDBE 
_pdbx_database_status.status_code_cs                  ? 
_pdbx_database_status.methods_development_category    ? 
_pdbx_database_status.pdb_format_compatible           Y 
_pdbx_database_status.status_code_nmr_data            ? 
# 
loop_
_audit_author.name 
_audit_author.pdbx_ordinal 
_audit_author.identifier_ORCID 
'De Zitter, E.'    1 0000-0001-6325-7354 
'Boon, M.'         2 0000-0003-3179-0677 
'De Smet, J.'      3 ?                   
'Lavigne, R.'      4 0000-0001-7377-1314 
'Van Meervelt, L.' 5 0000-0003-2186-5209 
# 
_citation.abstract                  ? 
_citation.abstract_id_CAS           ? 
_citation.book_id_ISBN              ? 
_citation.book_publisher            ? 
_citation.book_publisher_city       ? 
_citation.book_title                ? 
_citation.coordinate_linkage        ? 
_citation.country                   UK 
_citation.database_id_Medline       ? 
_citation.details                   ? 
_citation.id                        primary 
_citation.journal_abbrev            'Nucleic Acids Res.' 
_citation.journal_id_ASTM           NARHAD 
_citation.journal_id_CSD            0389 
_citation.journal_id_ISSN           1362-4962 
_citation.journal_full              ? 
_citation.journal_issue             ? 
_citation.journal_volume            48 
_citation.language                  ? 
_citation.page_first                445 
_citation.page_last                 459 
_citation.title                     
;'Drc', a structurally novel ssDNA-binding transcription regulator of N4-related bacterial viruses.
;
_citation.year                      2020 
_citation.database_id_CSD           ? 
_citation.pdbx_database_id_DOI      10.1093/nar/gkz1048 
_citation.pdbx_database_id_PubMed   31724707 
_citation.unpublished_flag          ? 
# 
loop_
_citation_author.citation_id 
_citation_author.name 
_citation_author.ordinal 
_citation_author.identifier_ORCID 
primary 'Boon, M.'         1  ? 
primary 'De Zitter, E.'    2  ? 
primary 'De Smet, J.'      3  ? 
primary 'Wagemans, J.'     4  ? 
primary 'Voet, M.'         5  ? 
primary 'Pennemann, F.L.'  6  ? 
primary 'Schalck, T.'      7  ? 
primary 'Kuznedelov, K.'   8  ? 
primary 'Severinov, K.'    9  ? 
primary 'Van Meervelt, L.' 10 ? 
primary 'De Maeyer, M.'    11 ? 
primary 'Lavigne, R.'      12 ? 
# 
loop_
_entity.id 
_entity.type 
_entity.src_method 
_entity.pdbx_description 
_entity.formula_weight 
_entity.pdbx_number_of_molecules 
_entity.pdbx_ec 
_entity.pdbx_mutation 
_entity.pdbx_fragment 
_entity.details 
1 polymer     man 'ssDNA binding RNA Polymerase cofactor' 11561.232 1  ? ? 'ssDNA binding protein' ? 
2 non-polymer syn 'PHOSPHATE ION'                         94.971    1  ? ? ?                       ? 
3 water       nat water                                   18.015    30 ? ? ?                       ? 
# 
_entity_name_com.entity_id   1 
_entity_name_com.name        'ssDNA-binding RNA polymerase cofactor Drc' 
# 
_entity_poly.entity_id                      1 
_entity_poly.type                           'polypeptide(L)' 
_entity_poly.nstd_linkage                   no 
_entity_poly.nstd_monomer                   no 
_entity_poly.pdbx_seq_one_letter_code       
;GPLGSMALVKKNQARNTQATDNKGASAYLNFHFPTRDGKDVRLVSLGLRADDALHMQLQEFLTVDDKGKPLSETAYAERC
KKLVSRLIIKLGVTRSEEERALDL
;
_entity_poly.pdbx_seq_one_letter_code_can   
;GPLGSMALVKKNQARNTQATDNKGASAYLNFHFPTRDGKDVRLVSLGLRADDALHMQLQEFLTVDDKGKPLSETAYAERC
KKLVSRLIIKLGVTRSEEERALDL
;
_entity_poly.pdbx_strand_id                 A 
_entity_poly.pdbx_target_identifier         ? 
# 
loop_
_pdbx_entity_nonpoly.entity_id 
_pdbx_entity_nonpoly.name 
_pdbx_entity_nonpoly.comp_id 
2 'PHOSPHATE ION' PO4 
3 water           HOH 
# 
loop_
_entity_poly_seq.entity_id 
_entity_poly_seq.num 
_entity_poly_seq.mon_id 
_entity_poly_seq.hetero 
1 1   GLY n 
1 2   PRO n 
1 3   LEU n 
1 4   GLY n 
1 5   SER n 
1 6   MET n 
1 7   ALA n 
1 8   LEU n 
1 9   VAL n 
1 10  LYS n 
1 11  LYS n 
1 12  ASN n 
1 13  GLN n 
1 14  ALA n 
1 15  ARG n 
1 16  ASN n 
1 17  THR n 
1 18  GLN n 
1 19  ALA n 
1 20  THR n 
1 21  ASP n 
1 22  ASN n 
1 23  LYS n 
1 24  GLY n 
1 25  ALA n 
1 26  SER n 
1 27  ALA n 
1 28  TYR n 
1 29  LEU n 
1 30  ASN n 
1 31  PHE n 
1 32  HIS n 
1 33  PHE n 
1 34  PRO n 
1 35  THR n 
1 36  ARG n 
1 37  ASP n 
1 38  GLY n 
1 39  LYS n 
1 40  ASP n 
1 41  VAL n 
1 42  ARG n 
1 43  LEU n 
1 44  VAL n 
1 45  SER n 
1 46  LEU n 
1 47  GLY n 
1 48  LEU n 
1 49  ARG n 
1 50  ALA n 
1 51  ASP n 
1 52  ASP n 
1 53  ALA n 
1 54  LEU n 
1 55  HIS n 
1 56  MET n 
1 57  GLN n 
1 58  LEU n 
1 59  GLN n 
1 60  GLU n 
1 61  PHE n 
1 62  LEU n 
1 63  THR n 
1 64  VAL n 
1 65  ASP n 
1 66  ASP n 
1 67  LYS n 
1 68  GLY n 
1 69  LYS n 
1 70  PRO n 
1 71  LEU n 
1 72  SER n 
1 73  GLU n 
1 74  THR n 
1 75  ALA n 
1 76  TYR n 
1 77  ALA n 
1 78  GLU n 
1 79  ARG n 
1 80  CYS n 
1 81  LYS n 
1 82  LYS n 
1 83  LEU n 
1 84  VAL n 
1 85  SER n 
1 86  ARG n 
1 87  LEU n 
1 88  ILE n 
1 89  ILE n 
1 90  LYS n 
1 91  LEU n 
1 92  GLY n 
1 93  VAL n 
1 94  THR n 
1 95  ARG n 
1 96  SER n 
1 97  GLU n 
1 98  GLU n 
1 99  GLU n 
1 100 ARG n 
1 101 ALA n 
1 102 LEU n 
1 103 ASP n 
1 104 LEU n 
# 
_entity_src_gen.entity_id                          1 
_entity_src_gen.pdbx_src_id                        1 
_entity_src_gen.pdbx_alt_source_flag               sample 
_entity_src_gen.pdbx_seq_type                      'Biological sequence' 
_entity_src_gen.pdbx_beg_seq_num                   1 
_entity_src_gen.pdbx_end_seq_num                   104 
_entity_src_gen.gene_src_common_name               ? 
_entity_src_gen.gene_src_genus                     ? 
_entity_src_gen.pdbx_gene_src_gene                 ? 
_entity_src_gen.gene_src_species                   ? 
_entity_src_gen.gene_src_strain                    ? 
_entity_src_gen.gene_src_tissue                    ? 
_entity_src_gen.gene_src_tissue_fraction           ? 
_entity_src_gen.gene_src_details                   ? 
_entity_src_gen.pdbx_gene_src_fragment             ? 
_entity_src_gen.pdbx_gene_src_scientific_name      'Pseudomonas phage LUZ7' 
_entity_src_gen.pdbx_gene_src_ncbi_taxonomy_id     655097 
_entity_src_gen.pdbx_gene_src_variant              ? 
_entity_src_gen.pdbx_gene_src_cell_line            ? 
_entity_src_gen.pdbx_gene_src_atcc                 ? 
_entity_src_gen.pdbx_gene_src_organ                ? 
_entity_src_gen.pdbx_gene_src_organelle            ? 
_entity_src_gen.pdbx_gene_src_cell                 ? 
_entity_src_gen.pdbx_gene_src_cellular_location    ? 
_entity_src_gen.host_org_common_name               ? 
_entity_src_gen.pdbx_host_org_scientific_name      'Escherichia coli' 
_entity_src_gen.pdbx_host_org_ncbi_taxonomy_id     469008 
_entity_src_gen.host_org_genus                     ? 
_entity_src_gen.pdbx_host_org_gene                 ? 
_entity_src_gen.pdbx_host_org_organ                ? 
_entity_src_gen.host_org_species                   ? 
_entity_src_gen.pdbx_host_org_tissue               ? 
_entity_src_gen.pdbx_host_org_tissue_fraction      ? 
_entity_src_gen.pdbx_host_org_strain               'BL21(DE3)' 
_entity_src_gen.pdbx_host_org_variant              pLysS 
_entity_src_gen.pdbx_host_org_cell_line            ? 
_entity_src_gen.pdbx_host_org_atcc                 ? 
_entity_src_gen.pdbx_host_org_culture_collection   ? 
_entity_src_gen.pdbx_host_org_cell                 ? 
_entity_src_gen.pdbx_host_org_organelle            ? 
_entity_src_gen.pdbx_host_org_cellular_location    ? 
_entity_src_gen.pdbx_host_org_vector_type          plasmid 
_entity_src_gen.pdbx_host_org_vector               ? 
_entity_src_gen.host_org_details                   ? 
_entity_src_gen.expression_system_id               ? 
_entity_src_gen.plasmid_name                       pGEX-6P-1 
_entity_src_gen.plasmid_details                    ? 
_entity_src_gen.pdbx_description                   ? 
# 
loop_
_chem_comp.id 
_chem_comp.type 
_chem_comp.mon_nstd_flag 
_chem_comp.name 
_chem_comp.pdbx_synonyms 
_chem_comp.formula 
_chem_comp.formula_weight 
ALA 'L-peptide linking' y ALANINE         ? 'C3 H7 N O2'     89.093  
ARG 'L-peptide linking' y ARGININE        ? 'C6 H15 N4 O2 1' 175.209 
ASN 'L-peptide linking' y ASPARAGINE      ? 'C4 H8 N2 O3'    132.118 
ASP 'L-peptide linking' y 'ASPARTIC ACID' ? 'C4 H7 N O4'     133.103 
CYS 'L-peptide linking' y CYSTEINE        ? 'C3 H7 N O2 S'   121.158 
GLN 'L-peptide linking' y GLUTAMINE       ? 'C5 H10 N2 O3'   146.144 
GLU 'L-peptide linking' y 'GLUTAMIC ACID' ? 'C5 H9 N O4'     147.129 
GLY 'peptide linking'   y GLYCINE         ? 'C2 H5 N O2'     75.067  
HIS 'L-peptide linking' y HISTIDINE       ? 'C6 H10 N3 O2 1' 156.162 
HOH non-polymer         . WATER           ? 'H2 O'           18.015  
ILE 'L-peptide linking' y ISOLEUCINE      ? 'C6 H13 N O2'    131.173 
LEU 'L-peptide linking' y LEUCINE         ? 'C6 H13 N O2'    131.173 
LYS 'L-peptide linking' y LYSINE          ? 'C6 H15 N2 O2 1' 147.195 
MET 'L-peptide linking' y METHIONINE      ? 'C5 H11 N O2 S'  149.211 
PHE 'L-peptide linking' y PHENYLALANINE   ? 'C9 H11 N O2'    165.189 
PO4 non-polymer         . 'PHOSPHATE ION' ? 'O4 P -3'        94.971  
PRO 'L-peptide linking' y PROLINE         ? 'C5 H9 N O2'     115.130 
SER 'L-peptide linking' y SERINE          ? 'C3 H7 N O3'     105.093 
THR 'L-peptide linking' y THREONINE       ? 'C4 H9 N O3'     119.119 
TYR 'L-peptide linking' y TYROSINE        ? 'C9 H11 N O3'    181.189 
VAL 'L-peptide linking' y VALINE          ? 'C5 H11 N O2'    117.146 
# 
loop_
_pdbx_poly_seq_scheme.asym_id 
_pdbx_poly_seq_scheme.entity_id 
_pdbx_poly_seq_scheme.seq_id 
_pdbx_poly_seq_scheme.mon_id 
_pdbx_poly_seq_scheme.ndb_seq_num 
_pdbx_poly_seq_scheme.pdb_seq_num 
_pdbx_poly_seq_scheme.auth_seq_num 
_pdbx_poly_seq_scheme.pdb_mon_id 
_pdbx_poly_seq_scheme.auth_mon_id 
_pdbx_poly_seq_scheme.pdb_strand_id 
_pdbx_poly_seq_scheme.pdb_ins_code 
_pdbx_poly_seq_scheme.hetero 
A 1 1   GLY 1   -4 ?  ?   ?   A . n 
A 1 2   PRO 2   -3 ?  ?   ?   A . n 
A 1 3   LEU 3   -2 ?  ?   ?   A . n 
A 1 4   GLY 4   -1 ?  ?   ?   A . n 
A 1 5   SER 5   0  ?  ?   ?   A . n 
A 1 6   MET 6   1  ?  ?   ?   A . n 
A 1 7   ALA 7   2  ?  ?   ?   A . n 
A 1 8   LEU 8   3  ?  ?   ?   A . n 
A 1 9   VAL 9   4  ?  ?   ?   A . n 
A 1 10  LYS 10  5  ?  ?   ?   A . n 
A 1 11  LYS 11  6  ?  ?   ?   A . n 
A 1 12  ASN 12  7  ?  ?   ?   A . n 
A 1 13  GLN 13  8  ?  ?   ?   A . n 
A 1 14  ALA 14  9  ?  ?   ?   A . n 
A 1 15  ARG 15  10 ?  ?   ?   A . n 
A 1 16  ASN 16  11 ?  ?   ?   A . n 
A 1 17  THR 17  12 ?  ?   ?   A . n 
A 1 18  GLN 18  13 ?  ?   ?   A . n 
A 1 19  ALA 19  14 ?  ?   ?   A . n 
A 1 20  THR 20  15 ?  ?   ?   A . n 
A 1 21  ASP 21  16 ?  ?   ?   A . n 
A 1 22  ASN 22  17 ?  ?   ?   A . n 
A 1 23  LYS 23  18 18 LYS LYS A . n 
A 1 24  GLY 24  19 19 GLY GLY A . n 
A 1 25  ALA 25  20 20 ALA ALA A . n 
A 1 26  SER 26  21 21 SER SER A . n 
A 1 27  ALA 27  22 22 ALA ALA A . n 
A 1 28  TYR 28  23 23 TYR TYR A . n 
A 1 29  LEU 29  24 24 LEU LEU A . n 
A 1 30  ASN 30  25 25 ASN ASN A . n 
A 1 31  PHE 31  26 26 PHE PHE A . n 
A 1 32  HIS 32  27 27 HIS HIS A . n 
A 1 33  PHE 33  28 28 PHE PHE A . n 
A 1 34  PRO 34  29 29 PRO PRO A . n 
A 1 35  THR 35  30 30 THR THR A . n 
A 1 36  ARG 36  31 31 ARG ARG A . n 
A 1 37  ASP 37  32 32 ASP ASP A . n 
A 1 38  GLY 38  33 33 GLY GLY A . n 
A 1 39  LYS 39  34 34 LYS LYS A . n 
A 1 40  ASP 40  35 35 ASP ASP A . n 
A 1 41  VAL 41  36 36 VAL VAL A . n 
A 1 42  ARG 42  37 37 ARG ARG A . n 
A 1 43  LEU 43  38 38 LEU LEU A . n 
A 1 44  VAL 44  39 39 VAL VAL A . n 
A 1 45  SER 45  40 40 SER SER A . n 
A 1 46  LEU 46  41 41 LEU LEU A . n 
A 1 47  GLY 47  42 42 GLY GLY A . n 
A 1 48  LEU 48  43 43 LEU LEU A . n 
A 1 49  ARG 49  44 44 ARG ARG A . n 
A 1 50  ALA 50  45 45 ALA ALA A . n 
A 1 51  ASP 51  46 46 ASP ASP A . n 
A 1 52  ASP 52  47 47 ASP ASP A . n 
A 1 53  ALA 53  48 48 ALA ALA A . n 
A 1 54  LEU 54  49 49 LEU LEU A . n 
A 1 55  HIS 55  50 50 HIS HIS A . n 
A 1 56  MET 56  51 51 MET MET A . n 
A 1 57  GLN 57  52 52 GLN GLN A . n 
A 1 58  LEU 58  53 53 LEU LEU A . n 
A 1 59  GLN 59  54 54 GLN GLN A . n 
A 1 60  GLU 60  55 55 GLU GLU A . n 
A 1 61  PHE 61  56 56 PHE PHE A . n 
A 1 62  LEU 62  57 57 LEU LEU A . n 
A 1 63  THR 63  58 58 THR THR A . n 
A 1 64  VAL 64  59 59 VAL VAL A . n 
A 1 65  ASP 65  60 60 ASP ASP A . n 
A 1 66  ASP 66  61 61 ASP ASP A . n 
A 1 67  LYS 67  62 62 LYS LYS A . n 
A 1 68  GLY 68  63 63 GLY GLY A . n 
A 1 69  LYS 69  64 64 LYS LYS A . n 
A 1 70  PRO 70  65 65 PRO PRO A . n 
A 1 71  LEU 71  66 66 LEU LEU A . n 
A 1 72  SER 72  67 67 SER SER A . n 
A 1 73  GLU 73  68 68 GLU GLU A . n 
A 1 74  THR 74  69 69 THR THR A . n 
A 1 75  ALA 75  70 70 ALA ALA A . n 
A 1 76  TYR 76  71 71 TYR TYR A . n 
A 1 77  ALA 77  72 72 ALA ALA A . n 
A 1 78  GLU 78  73 73 GLU GLU A . n 
A 1 79  ARG 79  74 74 ARG ARG A . n 
A 1 80  CYS 80  75 75 CYS CYS A . n 
A 1 81  LYS 81  76 76 LYS LYS A . n 
A 1 82  LYS 82  77 77 LYS LYS A . n 
A 1 83  LEU 83  78 78 LEU LEU A . n 
A 1 84  VAL 84  79 79 VAL VAL A . n 
A 1 85  SER 85  80 80 SER SER A . n 
A 1 86  ARG 86  81 81 ARG ARG A . n 
A 1 87  LEU 87  82 82 LEU LEU A . n 
A 1 88  ILE 88  83 83 ILE ILE A . n 
A 1 89  ILE 89  84 84 ILE ILE A . n 
A 1 90  LYS 90  85 85 LYS LYS A . n 
A 1 91  LEU 91  86 86 LEU LEU A . n 
A 1 92  GLY 92  87 87 GLY GLY A . n 
A 1 93  VAL 93  88 88 VAL VAL A . n 
A 1 94  THR 94  89 89 THR THR A . n 
A 1 95  ARG 95  90 90 ARG ARG A . n 
A 1 96  SER 96  91 91 SER SER A . n 
A 1 97  GLU 97  92 92 GLU GLU A . n 
A 1 98  GLU 98  93 93 GLU GLU A . n 
A 1 99  GLU 99  94 94 GLU GLU A . n 
A 1 100 ARG 100 95 95 ARG ARG A . n 
A 1 101 ALA 101 96 96 ALA ALA A . n 
A 1 102 LEU 102 97 97 LEU LEU A . n 
A 1 103 ASP 103 98 98 ASP ASP A . n 
A 1 104 LEU 104 99 99 LEU LEU A . n 
# 
loop_
_pdbx_nonpoly_scheme.asym_id 
_pdbx_nonpoly_scheme.entity_id 
_pdbx_nonpoly_scheme.mon_id 
_pdbx_nonpoly_scheme.ndb_seq_num 
_pdbx_nonpoly_scheme.pdb_seq_num 
_pdbx_nonpoly_scheme.auth_seq_num 
_pdbx_nonpoly_scheme.pdb_mon_id 
_pdbx_nonpoly_scheme.auth_mon_id 
_pdbx_nonpoly_scheme.pdb_strand_id 
_pdbx_nonpoly_scheme.pdb_ins_code 
B 2 PO4 1  101 1   PO4 PO4 A . 
C 3 HOH 1  201 17  HOH HOH A . 
C 3 HOH 2  202 14  HOH HOH A . 
C 3 HOH 3  203 3   HOH HOH A . 
C 3 HOH 4  204 9   HOH HOH A . 
C 3 HOH 5  205 2   HOH HOH A . 
C 3 HOH 6  206 5   HOH HOH A . 
C 3 HOH 7  207 8   HOH HOH A . 
C 3 HOH 8  208 104 HOH HOH A . 
C 3 HOH 9  209 6   HOH HOH A . 
C 3 HOH 10 210 13  HOH HOH A . 
C 3 HOH 11 211 4   HOH HOH A . 
C 3 HOH 12 212 12  HOH HOH A . 
C 3 HOH 13 213 20  HOH HOH A . 
C 3 HOH 14 214 10  HOH HOH A . 
C 3 HOH 15 215 7   HOH HOH A . 
C 3 HOH 16 216 100 HOH HOH A . 
C 3 HOH 17 217 1   HOH HOH A . 
C 3 HOH 18 218 22  HOH HOH A . 
C 3 HOH 19 219 106 HOH HOH A . 
C 3 HOH 20 220 101 HOH HOH A . 
C 3 HOH 21 221 19  HOH HOH A . 
C 3 HOH 22 222 11  HOH HOH A . 
C 3 HOH 23 223 18  HOH HOH A . 
C 3 HOH 24 224 105 HOH HOH A . 
C 3 HOH 25 225 23  HOH HOH A . 
C 3 HOH 26 226 21  HOH HOH A . 
C 3 HOH 27 227 103 HOH HOH A . 
C 3 HOH 28 228 102 HOH HOH A . 
C 3 HOH 29 229 15  HOH HOH A . 
C 3 HOH 30 230 16  HOH HOH A . 
# 
loop_
_pdbx_unobs_or_zero_occ_atoms.id 
_pdbx_unobs_or_zero_occ_atoms.PDB_model_num 
_pdbx_unobs_or_zero_occ_atoms.polymer_flag 
_pdbx_unobs_or_zero_occ_atoms.occupancy_flag 
_pdbx_unobs_or_zero_occ_atoms.auth_asym_id 
_pdbx_unobs_or_zero_occ_atoms.auth_comp_id 
_pdbx_unobs_or_zero_occ_atoms.auth_seq_id 
_pdbx_unobs_or_zero_occ_atoms.PDB_ins_code 
_pdbx_unobs_or_zero_occ_atoms.auth_atom_id 
_pdbx_unobs_or_zero_occ_atoms.label_alt_id 
_pdbx_unobs_or_zero_occ_atoms.label_asym_id 
_pdbx_unobs_or_zero_occ_atoms.label_comp_id 
_pdbx_unobs_or_zero_occ_atoms.label_seq_id 
_pdbx_unobs_or_zero_occ_atoms.label_atom_id 
1 1 Y 0 A LYS 18 ? N  ? A LYS 23 N  
2 1 Y 0 A LYS 18 ? CA ? A LYS 23 CA 
3 1 Y 0 A LYS 18 ? CB ? A LYS 23 CB 
4 1 Y 0 A LYS 18 ? CG ? A LYS 23 CG 
5 1 Y 0 A LYS 18 ? CD ? A LYS 23 CD 
6 1 Y 0 A LYS 18 ? CE ? A LYS 23 CE 
7 1 Y 0 A LYS 18 ? NZ ? A LYS 23 NZ 
# 
loop_
_software.citation_id 
_software.classification 
_software.compiler_name 
_software.compiler_version 
_software.contact_author 
_software.contact_author_email 
_software.date 
_software.description 
_software.dependencies 
_software.hardware 
_software.language 
_software.location 
_software.mods 
_software.name 
_software.os 
_software.os_version 
_software.type 
_software.version 
_software.pdbx_ordinal 
? 'data reduction'  ? ? ? ? ? ? ? ? ? ? ? XDS         ? ? ? 'Oct 2015' 1 
? 'data scaling'    ? ? ? ? ? ? ? ? ? ? ? Aimless     ? ? ? 0.5.25     2 
? phasing           ? ? ? ? ? ? ? ? ? ? ? SHELX       ? ? ? 2013/2     3 
? refinement        ? ? ? ? ? ? ? ? ? ? ? PHENIX      ? ? ? 1.11       4 
? 'data extraction' ? ? ? ? ? ? ? ? ? ? ? PDB_EXTRACT ? ? ? 3.24       5 
# 
_cell.angle_alpha                  90.000 
_cell.angle_alpha_esd              ? 
_cell.angle_beta                   90.000 
_cell.angle_beta_esd               ? 
_cell.angle_gamma                  90.000 
_cell.angle_gamma_esd              ? 
_cell.entry_id                     6QLC 
_cell.details                      ? 
_cell.formula_units_Z              ? 
_cell.length_a                     88.826 
_cell.length_a_esd                 ? 
_cell.length_b                     88.826 
_cell.length_b_esd                 ? 
_cell.length_c                     63.179 
_cell.length_c_esd                 ? 
_cell.volume                       ? 
_cell.volume_esd                   ? 
_cell.Z_PDB                        16 
_cell.reciprocal_angle_alpha       ? 
_cell.reciprocal_angle_beta        ? 
_cell.reciprocal_angle_gamma       ? 
_cell.reciprocal_angle_alpha_esd   ? 
_cell.reciprocal_angle_beta_esd    ? 
_cell.reciprocal_angle_gamma_esd   ? 
_cell.reciprocal_length_a          ? 
_cell.reciprocal_length_b          ? 
_cell.reciprocal_length_c          ? 
_cell.reciprocal_length_a_esd      ? 
_cell.reciprocal_length_b_esd      ? 
_cell.reciprocal_length_c_esd      ? 
_cell.pdbx_unique_axis             ? 
# 
_symmetry.entry_id                         6QLC 
_symmetry.cell_setting                     ? 
_symmetry.Int_Tables_number                98 
_symmetry.space_group_name_Hall            ? 
_symmetry.space_group_name_H-M             'I 41 2 2' 
_symmetry.pdbx_full_space_group_name_H-M   ? 
# 
_exptl.absorpt_coefficient_mu     ? 
_exptl.absorpt_correction_T_max   ? 
_exptl.absorpt_correction_T_min   ? 
_exptl.absorpt_correction_type    ? 
_exptl.absorpt_process_details    ? 
_exptl.entry_id                   6QLC 
_exptl.crystals_number            1 
_exptl.details                    ? 
_exptl.method                     'X-RAY DIFFRACTION' 
_exptl.method_details             ? 
# 
_exptl_crystal.colour                      ? 
_exptl_crystal.density_diffrn              ? 
_exptl_crystal.density_Matthews            3.36 
_exptl_crystal.density_method              ? 
_exptl_crystal.density_percent_sol         63.44 
_exptl_crystal.description                 ? 
_exptl_crystal.F_000                       ? 
_exptl_crystal.id                          1 
_exptl_crystal.preparation                 ? 
_exptl_crystal.size_max                    ? 
_exptl_crystal.size_mid                    ? 
_exptl_crystal.size_min                    ? 
_exptl_crystal.size_rad                    ? 
_exptl_crystal.colour_lustre               ? 
_exptl_crystal.colour_modifier             ? 
_exptl_crystal.colour_primary              ? 
_exptl_crystal.density_meas                ? 
_exptl_crystal.density_meas_esd            ? 
_exptl_crystal.density_meas_gt             ? 
_exptl_crystal.density_meas_lt             ? 
_exptl_crystal.density_meas_temp           ? 
_exptl_crystal.density_meas_temp_esd       ? 
_exptl_crystal.density_meas_temp_gt        ? 
_exptl_crystal.density_meas_temp_lt        ? 
_exptl_crystal.pdbx_crystal_image_url      ? 
_exptl_crystal.pdbx_crystal_image_format   ? 
_exptl_crystal.pdbx_mosaicity              ? 
_exptl_crystal.pdbx_mosaicity_esd          ? 
# 
_exptl_crystal_grow.apparatus       ? 
_exptl_crystal_grow.atmosphere      ? 
_exptl_crystal_grow.crystal_id      1 
_exptl_crystal_grow.details         ? 
_exptl_crystal_grow.method          'VAPOR DIFFUSION, SITTING DROP' 
_exptl_crystal_grow.method_ref      ? 
_exptl_crystal_grow.pH              ? 
_exptl_crystal_grow.pressure        ? 
_exptl_crystal_grow.pressure_esd    ? 
_exptl_crystal_grow.seeding         ? 
_exptl_crystal_grow.seeding_ref     ? 
_exptl_crystal_grow.temp            289 
_exptl_crystal_grow.temp_details    ? 
_exptl_crystal_grow.temp_esd        ? 
_exptl_crystal_grow.time            ? 
_exptl_crystal_grow.pdbx_details    
;1.8 M ammonium phosphate monobasic
0.1 M sodium acetate pH 4.6
;
_exptl_crystal_grow.pdbx_pH_range   ? 
# 
_diffrn.ambient_environment              ? 
_diffrn.ambient_temp                     100 
_diffrn.ambient_temp_details             ? 
_diffrn.ambient_temp_esd                 ? 
_diffrn.crystal_id                       1 
_diffrn.crystal_support                  ? 
_diffrn.crystal_treatment                ? 
_diffrn.details                          ? 
_diffrn.id                               1 
_diffrn.ambient_pressure                 ? 
_diffrn.ambient_pressure_esd             ? 
_diffrn.ambient_pressure_gt              ? 
_diffrn.ambient_pressure_lt              ? 
_diffrn.ambient_temp_gt                  ? 
_diffrn.ambient_temp_lt                  ? 
_diffrn.pdbx_serial_crystal_experiment   N 
# 
_diffrn_detector.details                      ? 
_diffrn_detector.detector                     PIXEL 
_diffrn_detector.diffrn_id                    1 
_diffrn_detector.type                         'DECTRIS PILATUS 2M-F' 
_diffrn_detector.area_resol_mean              ? 
_diffrn_detector.dtime                        ? 
_diffrn_detector.pdbx_frames_total            ? 
_diffrn_detector.pdbx_collection_time_total   ? 
_diffrn_detector.pdbx_collection_date         2015-05-23 
_diffrn_detector.pdbx_frequency               ? 
# 
_diffrn_radiation.collimation                      ? 
_diffrn_radiation.diffrn_id                        1 
_diffrn_radiation.filter_edge                      ? 
_diffrn_radiation.inhomogeneity                    ? 
_diffrn_radiation.monochromator                    'Si(111)' 
_diffrn_radiation.polarisn_norm                    ? 
_diffrn_radiation.polarisn_ratio                   ? 
_diffrn_radiation.probe                            ? 
_diffrn_radiation.type                             ? 
_diffrn_radiation.xray_symbol                      ? 
_diffrn_radiation.wavelength_id                    1 
_diffrn_radiation.pdbx_monochromatic_or_laue_m_l   M 
_diffrn_radiation.pdbx_wavelength_list             ? 
_diffrn_radiation.pdbx_wavelength                  ? 
_diffrn_radiation.pdbx_diffrn_protocol             'SINGLE WAVELENGTH' 
_diffrn_radiation.pdbx_analyzer                    ? 
_diffrn_radiation.pdbx_scattering_type             x-ray 
# 
loop_
_diffrn_radiation_wavelength.id 
_diffrn_radiation_wavelength.wavelength 
_diffrn_radiation_wavelength.wt 
1 1.000   1.0 
2 2.07333 1.0 
# 
_diffrn_source.current                     ? 
_diffrn_source.details                     ? 
_diffrn_source.diffrn_id                   1 
_diffrn_source.power                       ? 
_diffrn_source.size                        ? 
_diffrn_source.source                      SYNCHROTRON 
_diffrn_source.target                      ? 
_diffrn_source.type                        'SLS BEAMLINE X06DA' 
_diffrn_source.voltage                     ? 
_diffrn_source.take-off_angle              ? 
_diffrn_source.pdbx_wavelength_list        '1.000, 2.07333' 
_diffrn_source.pdbx_wavelength             ? 
_diffrn_source.pdbx_synchrotron_beamline   X06DA 
_diffrn_source.pdbx_synchrotron_site       SLS 
# 
_reflns.B_iso_Wilson_estimate            48.480 
_reflns.entry_id                         6QLC 
_reflns.data_reduction_details           ? 
_reflns.data_reduction_method            ? 
_reflns.d_resolution_high                2.200 
_reflns.d_resolution_low                 44.420 
_reflns.details                          ? 
_reflns.limit_h_max                      ? 
_reflns.limit_h_min                      ? 
_reflns.limit_k_max                      ? 
_reflns.limit_k_min                      ? 
_reflns.limit_l_max                      ? 
_reflns.limit_l_min                      ? 
_reflns.number_all                       ? 
_reflns.number_obs                       6690 
_reflns.observed_criterion               ? 
_reflns.observed_criterion_F_max         ? 
_reflns.observed_criterion_F_min         ? 
_reflns.observed_criterion_I_max         ? 
_reflns.observed_criterion_I_min         ? 
_reflns.observed_criterion_sigma_F       ? 
_reflns.observed_criterion_sigma_I       ? 
_reflns.percent_possible_obs             100.000 
_reflns.R_free_details                   ? 
_reflns.Rmerge_F_all                     ? 
_reflns.Rmerge_F_obs                     ? 
_reflns.Friedel_coverage                 ? 
_reflns.number_gt                        ? 
_reflns.threshold_expression             ? 
_reflns.pdbx_redundancy                  12.900 
_reflns.pdbx_Rmerge_I_obs                0.045 
_reflns.pdbx_Rmerge_I_all                ? 
_reflns.pdbx_Rsym_value                  ? 
_reflns.pdbx_netI_over_av_sigmaI         ? 
_reflns.pdbx_netI_over_sigmaI            31.300 
_reflns.pdbx_res_netI_over_av_sigmaI_2   ? 
_reflns.pdbx_res_netI_over_sigmaI_2      ? 
_reflns.pdbx_chi_squared                 ? 
_reflns.pdbx_scaling_rejects             ? 
_reflns.pdbx_d_res_high_opt              ? 
_reflns.pdbx_d_res_low_opt               ? 
_reflns.pdbx_d_res_opt_method            ? 
_reflns.phase_calculation_details        ? 
_reflns.pdbx_Rrim_I_all                  0.047 
_reflns.pdbx_Rpim_I_all                  0.013 
_reflns.pdbx_d_opt                       ? 
_reflns.pdbx_number_measured_all         86244 
_reflns.pdbx_diffrn_id                   1 
_reflns.pdbx_ordinal                     1 
_reflns.pdbx_CC_half                     0.999 
_reflns.pdbx_R_split                     ? 
# 
loop_
_reflns_shell.d_res_high 
_reflns_shell.d_res_low 
_reflns_shell.meanI_over_sigI_all 
_reflns_shell.meanI_over_sigI_obs 
_reflns_shell.number_measured_all 
_reflns_shell.number_measured_obs 
_reflns_shell.number_possible 
_reflns_shell.number_unique_all 
_reflns_shell.number_unique_obs 
_reflns_shell.percent_possible_all 
_reflns_shell.percent_possible_obs 
_reflns_shell.Rmerge_F_all 
_reflns_shell.Rmerge_F_obs 
_reflns_shell.Rmerge_I_all 
_reflns_shell.Rmerge_I_obs 
_reflns_shell.meanI_over_sigI_gt 
_reflns_shell.meanI_over_uI_all 
_reflns_shell.meanI_over_uI_gt 
_reflns_shell.number_measured_gt 
_reflns_shell.number_unique_gt 
_reflns_shell.percent_possible_gt 
_reflns_shell.Rmerge_F_gt 
_reflns_shell.Rmerge_I_gt 
_reflns_shell.pdbx_redundancy 
_reflns_shell.pdbx_Rsym_value 
_reflns_shell.pdbx_chi_squared 
_reflns_shell.pdbx_netI_over_sigmaI_all 
_reflns_shell.pdbx_netI_over_sigmaI_obs 
_reflns_shell.pdbx_Rrim_I_all 
_reflns_shell.pdbx_Rpim_I_all 
_reflns_shell.pdbx_rejects 
_reflns_shell.pdbx_ordinal 
_reflns_shell.pdbx_diffrn_id 
_reflns_shell.pdbx_CC_half 
_reflns_shell.pdbx_R_split 
2.200 2.270  ? ? ? ? ? ? 571 100.000 ? ? ? ? 0.453 ? ? ? ? ? ? ? ? 13.700 ? ? ? ? 0.471 0.126 ? 1 1 0.968 ? 
9.070 44.420 ? ? ? ? ? ? 119 99.000  ? ? ? ? 0.028 ? ? ? ? ? ? ? ? 10.500 ? ? ? ? 0.030 0.010 ? 2 1 0.999 ? 
# 
_refine.aniso_B[1][1]                            ? 
_refine.aniso_B[1][2]                            ? 
_refine.aniso_B[1][3]                            ? 
_refine.aniso_B[2][2]                            ? 
_refine.aniso_B[2][3]                            ? 
_refine.aniso_B[3][3]                            ? 
_refine.B_iso_max                                103.550 
_refine.B_iso_mean                               58.1697 
_refine.B_iso_min                                33.760 
_refine.correlation_coeff_Fo_to_Fc               ? 
_refine.correlation_coeff_Fo_to_Fc_free          ? 
_refine.details                                  ? 
_refine.diff_density_max                         ? 
_refine.diff_density_max_esd                     ? 
_refine.diff_density_min                         ? 
_refine.diff_density_min_esd                     ? 
_refine.diff_density_rms                         ? 
_refine.diff_density_rms_esd                     ? 
_refine.entry_id                                 6QLC 
_refine.pdbx_refine_id                           'X-RAY DIFFRACTION' 
_refine.ls_abs_structure_details                 ? 
_refine.ls_abs_structure_Flack                   ? 
_refine.ls_abs_structure_Flack_esd               ? 
_refine.ls_abs_structure_Rogers                  ? 
_refine.ls_abs_structure_Rogers_esd              ? 
_refine.ls_d_res_high                            2.2000 
_refine.ls_d_res_low                             44.4130 
_refine.ls_extinction_coef                       ? 
_refine.ls_extinction_coef_esd                   ? 
_refine.ls_extinction_expression                 ? 
_refine.ls_extinction_method                     ? 
_refine.ls_goodness_of_fit_all                   ? 
_refine.ls_goodness_of_fit_all_esd               ? 
_refine.ls_goodness_of_fit_obs                   ? 
_refine.ls_goodness_of_fit_obs_esd               ? 
_refine.ls_hydrogen_treatment                    ? 
_refine.ls_matrix_type                           ? 
_refine.ls_number_constraints                    ? 
_refine.ls_number_parameters                     ? 
_refine.ls_number_reflns_all                     ? 
_refine.ls_number_reflns_obs                     6673 
_refine.ls_number_reflns_R_free                  354 
_refine.ls_number_reflns_R_work                  ? 
_refine.ls_number_restraints                     ? 
_refine.ls_percent_reflns_obs                    99.9100 
_refine.ls_percent_reflns_R_free                 5.3000 
_refine.ls_R_factor_all                          ? 
_refine.ls_R_factor_obs                          0.2302 
_refine.ls_R_factor_R_free                       0.2859 
_refine.ls_R_factor_R_free_error                 ? 
_refine.ls_R_factor_R_free_error_details         ? 
_refine.ls_R_factor_R_work                       0.2272 
_refine.ls_R_Fsqd_factor_obs                     ? 
_refine.ls_R_I_factor_obs                        ? 
_refine.ls_redundancy_reflns_all                 ? 
_refine.ls_redundancy_reflns_obs                 ? 
_refine.ls_restrained_S_all                      ? 
_refine.ls_restrained_S_obs                      ? 
_refine.ls_shift_over_esd_max                    ? 
_refine.ls_shift_over_esd_mean                   ? 
_refine.ls_structure_factor_coef                 ? 
_refine.ls_weighting_details                     ? 
_refine.ls_weighting_scheme                      ? 
_refine.ls_wR_factor_all                         ? 
_refine.ls_wR_factor_obs                         ? 
_refine.ls_wR_factor_R_free                      ? 
_refine.ls_wR_factor_R_work                      ? 
_refine.occupancy_max                            ? 
_refine.occupancy_min                            ? 
_refine.solvent_model_details                    ? 
_refine.solvent_model_param_bsol                 ? 
_refine.solvent_model_param_ksol                 ? 
_refine.ls_R_factor_gt                           ? 
_refine.ls_goodness_of_fit_gt                    ? 
_refine.ls_goodness_of_fit_ref                   ? 
_refine.ls_shift_over_su_max                     ? 
_refine.ls_shift_over_su_max_lt                  ? 
_refine.ls_shift_over_su_mean                    ? 
_refine.ls_shift_over_su_mean_lt                 ? 
_refine.pdbx_ls_sigma_I                          ? 
_refine.pdbx_ls_sigma_F                          1.360 
_refine.pdbx_ls_sigma_Fsqd                       ? 
_refine.pdbx_data_cutoff_high_absF               ? 
_refine.pdbx_data_cutoff_high_rms_absF           ? 
_refine.pdbx_data_cutoff_low_absF                ? 
_refine.pdbx_isotropic_thermal_model             ? 
_refine.pdbx_ls_cross_valid_method               THROUGHOUT 
_refine.pdbx_method_to_determine_struct          SAD 
_refine.pdbx_starting_model                      ? 
_refine.pdbx_stereochemistry_target_values       ? 
_refine.pdbx_R_Free_selection_details            ? 
_refine.pdbx_stereochem_target_val_spec_case     ? 
_refine.pdbx_overall_ESU_R                       ? 
_refine.pdbx_overall_ESU_R_Free                  ? 
_refine.pdbx_solvent_vdw_probe_radii             1.1100 
_refine.pdbx_solvent_ion_probe_radii             ? 
_refine.pdbx_solvent_shrinkage_radii             0.9000 
_refine.pdbx_real_space_R                        ? 
_refine.pdbx_density_correlation                 ? 
_refine.pdbx_pd_number_of_powder_patterns        ? 
_refine.pdbx_pd_number_of_points                 ? 
_refine.pdbx_pd_meas_number_of_points            ? 
_refine.pdbx_pd_proc_ls_prof_R_factor            ? 
_refine.pdbx_pd_proc_ls_prof_wR_factor           ? 
_refine.pdbx_pd_Marquardt_correlation_coeff      ? 
_refine.pdbx_pd_Fsqrd_R_factor                   ? 
_refine.pdbx_pd_ls_matrix_band_width             ? 
_refine.pdbx_overall_phase_error                 36.1000 
_refine.pdbx_overall_SU_R_free_Cruickshank_DPI   ? 
_refine.pdbx_overall_SU_R_free_Blow_DPI          ? 
_refine.pdbx_overall_SU_R_Blow_DPI               ? 
_refine.pdbx_TLS_residual_ADP_flag               ? 
_refine.pdbx_diffrn_id                           1 
_refine.overall_SU_B                             ? 
_refine.overall_SU_ML                            0.3100 
_refine.overall_SU_R_Cruickshank_DPI             ? 
_refine.overall_SU_R_free                        ? 
_refine.overall_FOM_free_R_set                   ? 
_refine.overall_FOM_work_R_set                   ? 
_refine.pdbx_average_fsc_overall                 ? 
_refine.pdbx_average_fsc_work                    ? 
_refine.pdbx_average_fsc_free                    ? 
# 
_refine_hist.cycle_id                         final 
_refine_hist.pdbx_refine_id                   'X-RAY DIFFRACTION' 
_refine_hist.d_res_high                       2.2000 
_refine_hist.d_res_low                        44.4130 
_refine_hist.pdbx_number_atoms_ligand         5 
_refine_hist.number_atoms_solvent             30 
_refine_hist.number_atoms_total               685 
_refine_hist.pdbx_number_residues_total       81 
_refine_hist.pdbx_B_iso_mean_ligand           70.08 
_refine_hist.pdbx_B_iso_mean_solvent          64.60 
_refine_hist.pdbx_number_atoms_protein        650 
_refine_hist.pdbx_number_atoms_nucleic_acid   0 
# 
loop_
_refine_ls_restr.pdbx_refine_id 
_refine_ls_restr.criterion 
_refine_ls_restr.dev_ideal 
_refine_ls_restr.dev_ideal_target 
_refine_ls_restr.number 
_refine_ls_restr.rejects 
_refine_ls_restr.type 
_refine_ls_restr.weight 
_refine_ls_restr.pdbx_restraint_function 
'X-RAY DIFFRACTION' ? 0.007 ? 680 ? f_bond_d           ? ? 
'X-RAY DIFFRACTION' ? 0.882 ? 917 ? f_angle_d          ? ? 
'X-RAY DIFFRACTION' ? 0.047 ? 103 ? f_chiral_restr     ? ? 
'X-RAY DIFFRACTION' ? 0.005 ? 119 ? f_plane_restr      ? ? 
'X-RAY DIFFRACTION' ? 8.039 ? 582 ? f_dihedral_angle_d ? ? 
# 
loop_
_refine_ls_shell.pdbx_refine_id 
_refine_ls_shell.d_res_high 
_refine_ls_shell.d_res_low 
_refine_ls_shell.number_reflns_all 
_refine_ls_shell.number_reflns_obs 
_refine_ls_shell.number_reflns_R_free 
_refine_ls_shell.number_reflns_R_work 
_refine_ls_shell.percent_reflns_obs 
_refine_ls_shell.percent_reflns_R_free 
_refine_ls_shell.R_factor_all 
_refine_ls_shell.R_factor_obs 
_refine_ls_shell.R_factor_R_free 
_refine_ls_shell.R_factor_R_free_error 
_refine_ls_shell.R_factor_R_work 
_refine_ls_shell.redundancy_reflns_all 
_refine_ls_shell.redundancy_reflns_obs 
_refine_ls_shell.wR_factor_all 
_refine_ls_shell.wR_factor_obs 
_refine_ls_shell.wR_factor_R_free 
_refine_ls_shell.wR_factor_R_work 
_refine_ls_shell.pdbx_total_number_of_bins_used 
_refine_ls_shell.pdbx_phase_error 
_refine_ls_shell.pdbx_fsc_work 
_refine_ls_shell.pdbx_fsc_free 
'X-RAY DIFFRACTION' 2.2001 2.5184  2169 . 124 2045 100.0000 . . . 0.3844 0.0000 0.2720 . . . . . . 3 . . . 
'X-RAY DIFFRACTION' 2.5184 3.1728  2199 . 128 2071 100.0000 . . . 0.3309 0.0000 0.3052 . . . . . . 3 . . . 
'X-RAY DIFFRACTION' 3.1728 44.4220 2305 . 102 2203 100.0000 . . . 0.2527 0.0000 0.1977 . . . . . . 3 . . . 
# 
_struct.entry_id                     6QLC 
_struct.title                        'The ssDNA-binding RNA polymerase cofactor Drc from Pseudomonas phage LUZ7' 
_struct.pdbx_model_details           ? 
_struct.pdbx_formula_weight          ? 
_struct.pdbx_formula_weight_method   ? 
_struct.pdbx_model_type_details      ? 
_struct.pdbx_CASP_flag               N 
# 
_struct_keywords.entry_id        6QLC 
_struct_keywords.text            'ssDNA binding, VIRAL PROTEIN' 
_struct_keywords.pdbx_keywords   'VIRAL PROTEIN' 
# 
loop_
_struct_asym.id 
_struct_asym.pdbx_blank_PDB_chainid_flag 
_struct_asym.pdbx_modified 
_struct_asym.entity_id 
_struct_asym.details 
A N N 1 ? 
B N N 2 ? 
C N N 3 ? 
# 
_struct_ref.id                         1 
_struct_ref.db_name                    UNP 
_struct_ref.db_code                    C8ZKB3_9CAUD 
_struct_ref.pdbx_db_accession          C8ZKB3 
_struct_ref.pdbx_db_isoform            ? 
_struct_ref.entity_id                  1 
_struct_ref.pdbx_seq_one_letter_code   
;MALVKKNQARNTQATDNKGASAYLNFHFPTRDGKDVRLVSLGLRADDALHMQLQEFLTVDDKGKPLSETAYAERCKKLVS
RLIIKLGVTRSEEERALDL
;
_struct_ref.pdbx_align_begin           1 
# 
_struct_ref_seq.align_id                      1 
_struct_ref_seq.ref_id                        1 
_struct_ref_seq.pdbx_PDB_id_code              6QLC 
_struct_ref_seq.pdbx_strand_id                A 
_struct_ref_seq.seq_align_beg                 6 
_struct_ref_seq.pdbx_seq_align_beg_ins_code   ? 
_struct_ref_seq.seq_align_end                 104 
_struct_ref_seq.pdbx_seq_align_end_ins_code   ? 
_struct_ref_seq.pdbx_db_accession             C8ZKB3 
_struct_ref_seq.db_align_beg                  1 
_struct_ref_seq.pdbx_db_align_beg_ins_code    ? 
_struct_ref_seq.db_align_end                  99 
_struct_ref_seq.pdbx_db_align_end_ins_code    ? 
_struct_ref_seq.pdbx_auth_seq_align_beg       1 
_struct_ref_seq.pdbx_auth_seq_align_end       99 
# 
loop_
_struct_ref_seq_dif.align_id 
_struct_ref_seq_dif.pdbx_pdb_id_code 
_struct_ref_seq_dif.mon_id 
_struct_ref_seq_dif.pdbx_pdb_strand_id 
_struct_ref_seq_dif.seq_num 
_struct_ref_seq_dif.pdbx_pdb_ins_code 
_struct_ref_seq_dif.pdbx_seq_db_name 
_struct_ref_seq_dif.pdbx_seq_db_accession_code 
_struct_ref_seq_dif.db_mon_id 
_struct_ref_seq_dif.pdbx_seq_db_seq_num 
_struct_ref_seq_dif.details 
_struct_ref_seq_dif.pdbx_auth_seq_num 
_struct_ref_seq_dif.pdbx_ordinal 
1 6QLC GLY A 1 ? UNP C8ZKB3 ? ? 'expression tag' -4 1 
1 6QLC PRO A 2 ? UNP C8ZKB3 ? ? 'expression tag' -3 2 
1 6QLC LEU A 3 ? UNP C8ZKB3 ? ? 'expression tag' -2 3 
1 6QLC GLY A 4 ? UNP C8ZKB3 ? ? 'expression tag' -1 4 
1 6QLC SER A 5 ? UNP C8ZKB3 ? ? 'expression tag' 0  5 
# 
_pdbx_struct_assembly.id                   1 
_pdbx_struct_assembly.details              author_and_software_defined_assembly 
_pdbx_struct_assembly.method_details       PISA 
_pdbx_struct_assembly.oligomeric_details   dimeric 
_pdbx_struct_assembly.oligomeric_count     2 
# 
loop_
_pdbx_struct_assembly_prop.biol_id 
_pdbx_struct_assembly_prop.type 
_pdbx_struct_assembly_prop.value 
_pdbx_struct_assembly_prop.details 
1 'ABSA (A^2)' 4280  ? 
1 MORE         -38   ? 
1 'SSA (A^2)'  11900 ? 
# 
_pdbx_struct_assembly_gen.assembly_id       1 
_pdbx_struct_assembly_gen.oper_expression   1,2 
_pdbx_struct_assembly_gen.asym_id_list      A,B,C 
# 
_pdbx_struct_assembly_auth_evidence.id                     1 
_pdbx_struct_assembly_auth_evidence.assembly_id            1 
_pdbx_struct_assembly_auth_evidence.experimental_support   none 
_pdbx_struct_assembly_auth_evidence.details                ? 
# 
loop_
_pdbx_struct_oper_list.id 
_pdbx_struct_oper_list.type 
_pdbx_struct_oper_list.name 
_pdbx_struct_oper_list.symmetry_operation 
_pdbx_struct_oper_list.matrix[1][1] 
_pdbx_struct_oper_list.matrix[1][2] 
_pdbx_struct_oper_list.matrix[1][3] 
_pdbx_struct_oper_list.vector[1] 
_pdbx_struct_oper_list.matrix[2][1] 
_pdbx_struct_oper_list.matrix[2][2] 
_pdbx_struct_oper_list.matrix[2][3] 
_pdbx_struct_oper_list.vector[2] 
_pdbx_struct_oper_list.matrix[3][1] 
_pdbx_struct_oper_list.matrix[3][2] 
_pdbx_struct_oper_list.matrix[3][3] 
_pdbx_struct_oper_list.vector[3] 
1 'identity operation'         1_555 x,y,z           1.0000000000  0.0000000000 0.0000000000  0.0000000000  0.0000000000 1.0000000000 0.0000000000  0.0000000000 0.0000000000  0.0000000000  1.0000000000  0.0000000000  
2 'crystal symmetry operation' 6_544 x,-y-1/2,-z-3/4 -0.6112648852 0.7057103423 -0.3582291904 -7.8444210698 0.7057103423 0.2811476717 -0.6503298390 1.7001494206 -0.3582291904 -0.6503298390 -0.6698827865 -5.1631439999 
# 
loop_
_struct_conf.conf_type_id 
_struct_conf.id 
_struct_conf.pdbx_PDB_helix_id 
_struct_conf.beg_label_comp_id 
_struct_conf.beg_label_asym_id 
_struct_conf.beg_label_seq_id 
_struct_conf.pdbx_beg_PDB_ins_code 
_struct_conf.end_label_comp_id 
_struct_conf.end_label_asym_id 
_struct_conf.end_label_seq_id 
_struct_conf.pdbx_end_PDB_ins_code 
_struct_conf.beg_auth_comp_id 
_struct_conf.beg_auth_asym_id 
_struct_conf.beg_auth_seq_id 
_struct_conf.end_auth_comp_id 
_struct_conf.end_auth_asym_id 
_struct_conf.end_auth_seq_id 
_struct_conf.pdbx_PDB_helix_class 
_struct_conf.details 
_struct_conf.pdbx_PDB_helix_length 
HELX_P HELX_P1 AA1 ASP A 52 ? LEU A 62  ? ASP A 47 LEU A 57 1 ? 11 
HELX_P HELX_P2 AA2 SER A 72 ? LEU A 87  ? SER A 67 LEU A 82 1 ? 16 
HELX_P HELX_P3 AA3 SER A 96 ? ALA A 101 ? SER A 91 ALA A 96 1 ? 6  
# 
_struct_conf_type.id          HELX_P 
_struct_conf_type.criteria    ? 
_struct_conf_type.reference   ? 
# 
_struct_sheet.id               AA1 
_struct_sheet.type             ? 
_struct_sheet.number_strands   2 
_struct_sheet.details          ? 
# 
_struct_sheet_order.sheet_id     AA1 
_struct_sheet_order.range_id_1   1 
_struct_sheet_order.range_id_2   2 
_struct_sheet_order.offset       ? 
_struct_sheet_order.sense        anti-parallel 
# 
loop_
_struct_sheet_range.sheet_id 
_struct_sheet_range.id 
_struct_sheet_range.beg_label_comp_id 
_struct_sheet_range.beg_label_asym_id 
_struct_sheet_range.beg_label_seq_id 
_struct_sheet_range.pdbx_beg_PDB_ins_code 
_struct_sheet_range.end_label_comp_id 
_struct_sheet_range.end_label_asym_id 
_struct_sheet_range.end_label_seq_id 
_struct_sheet_range.pdbx_end_PDB_ins_code 
_struct_sheet_range.beg_auth_comp_id 
_struct_sheet_range.beg_auth_asym_id 
_struct_sheet_range.beg_auth_seq_id 
_struct_sheet_range.end_auth_comp_id 
_struct_sheet_range.end_auth_asym_id 
_struct_sheet_range.end_auth_seq_id 
AA1 1 ALA A 27 ? PRO A 34 ? ALA A 22 PRO A 29 
AA1 2 ASP A 40 ? LEU A 48 ? ASP A 35 LEU A 43 
# 
_pdbx_struct_sheet_hbond.sheet_id                AA1 
_pdbx_struct_sheet_hbond.range_id_1              1 
_pdbx_struct_sheet_hbond.range_id_2              2 
_pdbx_struct_sheet_hbond.range_1_label_atom_id   N 
_pdbx_struct_sheet_hbond.range_1_label_comp_id   LEU 
_pdbx_struct_sheet_hbond.range_1_label_asym_id   A 
_pdbx_struct_sheet_hbond.range_1_label_seq_id    29 
_pdbx_struct_sheet_hbond.range_1_PDB_ins_code    ? 
_pdbx_struct_sheet_hbond.range_1_auth_atom_id    N 
_pdbx_struct_sheet_hbond.range_1_auth_comp_id    LEU 
_pdbx_struct_sheet_hbond.range_1_auth_asym_id    A 
_pdbx_struct_sheet_hbond.range_1_auth_seq_id     24 
_pdbx_struct_sheet_hbond.range_2_label_atom_id   O 
_pdbx_struct_sheet_hbond.range_2_label_comp_id   LEU 
_pdbx_struct_sheet_hbond.range_2_label_asym_id   A 
_pdbx_struct_sheet_hbond.range_2_label_seq_id    46 
_pdbx_struct_sheet_hbond.range_2_PDB_ins_code    ? 
_pdbx_struct_sheet_hbond.range_2_auth_atom_id    O 
_pdbx_struct_sheet_hbond.range_2_auth_comp_id    LEU 
_pdbx_struct_sheet_hbond.range_2_auth_asym_id    A 
_pdbx_struct_sheet_hbond.range_2_auth_seq_id     41 
# 
_struct_site.id                   AC1 
_struct_site.pdbx_evidence_code   Software 
_struct_site.pdbx_auth_asym_id    A 
_struct_site.pdbx_auth_comp_id    PO4 
_struct_site.pdbx_auth_seq_id     101 
_struct_site.pdbx_auth_ins_code   ? 
_struct_site.pdbx_num_residues    3 
_struct_site.details              'binding site for residue PO4 A 101' 
# 
loop_
_struct_site_gen.id 
_struct_site_gen.site_id 
_struct_site_gen.pdbx_num_res 
_struct_site_gen.label_comp_id 
_struct_site_gen.label_asym_id 
_struct_site_gen.label_seq_id 
_struct_site_gen.pdbx_auth_ins_code 
_struct_site_gen.auth_comp_id 
_struct_site_gen.auth_asym_id 
_struct_site_gen.auth_seq_id 
_struct_site_gen.label_atom_id 
_struct_site_gen.label_alt_id 
_struct_site_gen.symmetry 
_struct_site_gen.details 
1 AC1 3 ARG A 95  ? ARG A 90  . ? 1_555 ? 
2 AC1 3 ARG A 100 ? ARG A 95  . ? 1_555 ? 
3 AC1 3 HOH C .   ? HOH A 217 . ? 1_555 ? 
# 
_pdbx_validate_close_contact.id               1 
_pdbx_validate_close_contact.PDB_model_num    1 
_pdbx_validate_close_contact.auth_atom_id_1   OD1 
_pdbx_validate_close_contact.auth_asym_id_1   A 
_pdbx_validate_close_contact.auth_comp_id_1   ASP 
_pdbx_validate_close_contact.auth_seq_id_1    60 
_pdbx_validate_close_contact.PDB_ins_code_1   ? 
_pdbx_validate_close_contact.label_alt_id_1   ? 
_pdbx_validate_close_contact.auth_atom_id_2   O 
_pdbx_validate_close_contact.auth_asym_id_2   A 
_pdbx_validate_close_contact.auth_comp_id_2   HOH 
_pdbx_validate_close_contact.auth_seq_id_2    201 
_pdbx_validate_close_contact.PDB_ins_code_2   ? 
_pdbx_validate_close_contact.label_alt_id_2   ? 
_pdbx_validate_close_contact.dist             2.19 
# 
loop_
_pdbx_validate_torsion.id 
_pdbx_validate_torsion.PDB_model_num 
_pdbx_validate_torsion.auth_comp_id 
_pdbx_validate_torsion.auth_asym_id 
_pdbx_validate_torsion.auth_seq_id 
_pdbx_validate_torsion.PDB_ins_code 
_pdbx_validate_torsion.label_alt_id 
_pdbx_validate_torsion.phi 
_pdbx_validate_torsion.psi 
1 1 LYS A 34 ? ? -96.51  -143.63 
2 1 LYS A 62 ? ? -153.92 12.19   
# 
_phasing.method   SAD 
# 
_pdbx_distant_solvent_atoms.id                                1 
_pdbx_distant_solvent_atoms.PDB_model_num                     1 
_pdbx_distant_solvent_atoms.auth_atom_id                      O 
_pdbx_distant_solvent_atoms.label_alt_id                      ? 
_pdbx_distant_solvent_atoms.auth_asym_id                      A 
_pdbx_distant_solvent_atoms.auth_comp_id                      HOH 
_pdbx_distant_solvent_atoms.auth_seq_id                       230 
_pdbx_distant_solvent_atoms.PDB_ins_code                      ? 
_pdbx_distant_solvent_atoms.neighbor_macromolecule_distance   6.57 
_pdbx_distant_solvent_atoms.neighbor_ligand_distance          . 
# 
loop_
_pdbx_unobs_or_zero_occ_residues.id 
_pdbx_unobs_or_zero_occ_residues.PDB_model_num 
_pdbx_unobs_or_zero_occ_residues.polymer_flag 
_pdbx_unobs_or_zero_occ_residues.occupancy_flag 
_pdbx_unobs_or_zero_occ_residues.auth_asym_id 
_pdbx_unobs_or_zero_occ_residues.auth_comp_id 
_pdbx_unobs_or_zero_occ_residues.auth_seq_id 
_pdbx_unobs_or_zero_occ_residues.PDB_ins_code 
_pdbx_unobs_or_zero_occ_residues.label_asym_id 
_pdbx_unobs_or_zero_occ_residues.label_comp_id 
_pdbx_unobs_or_zero_occ_residues.label_seq_id 
1  1 Y 1 A GLY -4 ? A GLY 1  
2  1 Y 1 A PRO -3 ? A PRO 2  
3  1 Y 1 A LEU -2 ? A LEU 3  
4  1 Y 1 A GLY -1 ? A GLY 4  
5  1 Y 1 A SER 0  ? A SER 5  
6  1 Y 1 A MET 1  ? A MET 6  
7  1 Y 1 A ALA 2  ? A ALA 7  
8  1 Y 1 A LEU 3  ? A LEU 8  
9  1 Y 1 A VAL 4  ? A VAL 9  
10 1 Y 1 A LYS 5  ? A LYS 10 
11 1 Y 1 A LYS 6  ? A LYS 11 
12 1 Y 1 A ASN 7  ? A ASN 12 
13 1 Y 1 A GLN 8  ? A GLN 13 
14 1 Y 1 A ALA 9  ? A ALA 14 
15 1 Y 1 A ARG 10 ? A ARG 15 
16 1 Y 1 A ASN 11 ? A ASN 16 
17 1 Y 1 A THR 12 ? A THR 17 
18 1 Y 1 A GLN 13 ? A GLN 18 
19 1 Y 1 A ALA 14 ? A ALA 19 
20 1 Y 1 A THR 15 ? A THR 20 
21 1 Y 1 A ASP 16 ? A ASP 21 
22 1 Y 1 A ASN 17 ? A ASN 22 
# 
loop_
_chem_comp_atom.comp_id 
_chem_comp_atom.atom_id 
_chem_comp_atom.type_symbol 
_chem_comp_atom.pdbx_aromatic_flag 
_chem_comp_atom.pdbx_stereo_config 
_chem_comp_atom.pdbx_ordinal 
ALA N    N N N 1   
ALA CA   C N S 2   
ALA C    C N N 3   
ALA O    O N N 4   
ALA CB   C N N 5   
ALA OXT  O N N 6   
ALA H    H N N 7   
ALA H2   H N N 8   
ALA HA   H N N 9   
ALA HB1  H N N 10  
ALA HB2  H N N 11  
ALA HB3  H N N 12  
ALA HXT  H N N 13  
ARG N    N N N 14  
ARG CA   C N S 15  
ARG C    C N N 16  
ARG O    O N N 17  
ARG CB   C N N 18  
ARG CG   C N N 19  
ARG CD   C N N 20  
ARG NE   N N N 21  
ARG CZ   C N N 22  
ARG NH1  N N N 23  
ARG NH2  N N N 24  
ARG OXT  O N N 25  
ARG H    H N N 26  
ARG H2   H N N 27  
ARG HA   H N N 28  
ARG HB2  H N N 29  
ARG HB3  H N N 30  
ARG HG2  H N N 31  
ARG HG3  H N N 32  
ARG HD2  H N N 33  
ARG HD3  H N N 34  
ARG HE   H N N 35  
ARG HH11 H N N 36  
ARG HH12 H N N 37  
ARG HH21 H N N 38  
ARG HH22 H N N 39  
ARG HXT  H N N 40  
ASN N    N N N 41  
ASN CA   C N S 42  
ASN C    C N N 43  
ASN O    O N N 44  
ASN CB   C N N 45  
ASN CG   C N N 46  
ASN OD1  O N N 47  
ASN ND2  N N N 48  
ASN OXT  O N N 49  
ASN H    H N N 50  
ASN H2   H N N 51  
ASN HA   H N N 52  
ASN HB2  H N N 53  
ASN HB3  H N N 54  
ASN HD21 H N N 55  
ASN HD22 H N N 56  
ASN HXT  H N N 57  
ASP N    N N N 58  
ASP CA   C N S 59  
ASP C    C N N 60  
ASP O    O N N 61  
ASP CB   C N N 62  
ASP CG   C N N 63  
ASP OD1  O N N 64  
ASP OD2  O N N 65  
ASP OXT  O N N 66  
ASP H    H N N 67  
ASP H2   H N N 68  
ASP HA   H N N 69  
ASP HB2  H N N 70  
ASP HB3  H N N 71  
ASP HD2  H N N 72  
ASP HXT  H N N 73  
CYS N    N N N 74  
CYS CA   C N R 75  
CYS C    C N N 76  
CYS O    O N N 77  
CYS CB   C N N 78  
CYS SG   S N N 79  
CYS OXT  O N N 80  
CYS H    H N N 81  
CYS H2   H N N 82  
CYS HA   H N N 83  
CYS HB2  H N N 84  
CYS HB3  H N N 85  
CYS HG   H N N 86  
CYS HXT  H N N 87  
GLN N    N N N 88  
GLN CA   C N S 89  
GLN C    C N N 90  
GLN O    O N N 91  
GLN CB   C N N 92  
GLN CG   C N N 93  
GLN CD   C N N 94  
GLN OE1  O N N 95  
GLN NE2  N N N 96  
GLN OXT  O N N 97  
GLN H    H N N 98  
GLN H2   H N N 99  
GLN HA   H N N 100 
GLN HB2  H N N 101 
GLN HB3  H N N 102 
GLN HG2  H N N 103 
GLN HG3  H N N 104 
GLN HE21 H N N 105 
GLN HE22 H N N 106 
GLN HXT  H N N 107 
GLU N    N N N 108 
GLU CA   C N S 109 
GLU C    C N N 110 
GLU O    O N N 111 
GLU CB   C N N 112 
GLU CG   C N N 113 
GLU CD   C N N 114 
GLU OE1  O N N 115 
GLU OE2  O N N 116 
GLU OXT  O N N 117 
GLU H    H N N 118 
GLU H2   H N N 119 
GLU HA   H N N 120 
GLU HB2  H N N 121 
GLU HB3  H N N 122 
GLU HG2  H N N 123 
GLU HG3  H N N 124 
GLU HE2  H N N 125 
GLU HXT  H N N 126 
GLY N    N N N 127 
GLY CA   C N N 128 
GLY C    C N N 129 
GLY O    O N N 130 
GLY OXT  O N N 131 
GLY H    H N N 132 
GLY H2   H N N 133 
GLY HA2  H N N 134 
GLY HA3  H N N 135 
GLY HXT  H N N 136 
HIS N    N N N 137 
HIS CA   C N S 138 
HIS C    C N N 139 
HIS O    O N N 140 
HIS CB   C N N 141 
HIS CG   C Y N 142 
HIS ND1  N Y N 143 
HIS CD2  C Y N 144 
HIS CE1  C Y N 145 
HIS NE2  N Y N 146 
HIS OXT  O N N 147 
HIS H    H N N 148 
HIS H2   H N N 149 
HIS HA   H N N 150 
HIS HB2  H N N 151 
HIS HB3  H N N 152 
HIS HD1  H N N 153 
HIS HD2  H N N 154 
HIS HE1  H N N 155 
HIS HE2  H N N 156 
HIS HXT  H N N 157 
HOH O    O N N 158 
HOH H1   H N N 159 
HOH H2   H N N 160 
ILE N    N N N 161 
ILE CA   C N S 162 
ILE C    C N N 163 
ILE O    O N N 164 
ILE CB   C N S 165 
ILE CG1  C N N 166 
ILE CG2  C N N 167 
ILE CD1  C N N 168 
ILE OXT  O N N 169 
ILE H    H N N 170 
ILE H2   H N N 171 
ILE HA   H N N 172 
ILE HB   H N N 173 
ILE HG12 H N N 174 
ILE HG13 H N N 175 
ILE HG21 H N N 176 
ILE HG22 H N N 177 
ILE HG23 H N N 178 
ILE HD11 H N N 179 
ILE HD12 H N N 180 
ILE HD13 H N N 181 
ILE HXT  H N N 182 
LEU N    N N N 183 
LEU CA   C N S 184 
LEU C    C N N 185 
LEU O    O N N 186 
LEU CB   C N N 187 
LEU CG   C N N 188 
LEU CD1  C N N 189 
LEU CD2  C N N 190 
LEU OXT  O N N 191 
LEU H    H N N 192 
LEU H2   H N N 193 
LEU HA   H N N 194 
LEU HB2  H N N 195 
LEU HB3  H N N 196 
LEU HG   H N N 197 
LEU HD11 H N N 198 
LEU HD12 H N N 199 
LEU HD13 H N N 200 
LEU HD21 H N N 201 
LEU HD22 H N N 202 
LEU HD23 H N N 203 
LEU HXT  H N N 204 
LYS N    N N N 205 
LYS CA   C N S 206 
LYS C    C N N 207 
LYS O    O N N 208 
LYS CB   C N N 209 
LYS CG   C N N 210 
LYS CD   C N N 211 
LYS CE   C N N 212 
LYS NZ   N N N 213 
LYS OXT  O N N 214 
LYS H    H N N 215 
LYS H2   H N N 216 
LYS HA   H N N 217 
LYS HB2  H N N 218 
LYS HB3  H N N 219 
LYS HG2  H N N 220 
LYS HG3  H N N 221 
LYS HD2  H N N 222 
LYS HD3  H N N 223 
LYS HE2  H N N 224 
LYS HE3  H N N 225 
LYS HZ1  H N N 226 
LYS HZ2  H N N 227 
LYS HZ3  H N N 228 
LYS HXT  H N N 229 
MET N    N N N 230 
MET CA   C N S 231 
MET C    C N N 232 
MET O    O N N 233 
MET CB   C N N 234 
MET CG   C N N 235 
MET SD   S N N 236 
MET CE   C N N 237 
MET OXT  O N N 238 
MET H    H N N 239 
MET H2   H N N 240 
MET HA   H N N 241 
MET HB2  H N N 242 
MET HB3  H N N 243 
MET HG2  H N N 244 
MET HG3  H N N 245 
MET HE1  H N N 246 
MET HE2  H N N 247 
MET HE3  H N N 248 
MET HXT  H N N 249 
PHE N    N N N 250 
PHE CA   C N S 251 
PHE C    C N N 252 
PHE O    O N N 253 
PHE CB   C N N 254 
PHE CG   C Y N 255 
PHE CD1  C Y N 256 
PHE CD2  C Y N 257 
PHE CE1  C Y N 258 
PHE CE2  C Y N 259 
PHE CZ   C Y N 260 
PHE OXT  O N N 261 
PHE H    H N N 262 
PHE H2   H N N 263 
PHE HA   H N N 264 
PHE HB2  H N N 265 
PHE HB3  H N N 266 
PHE HD1  H N N 267 
PHE HD2  H N N 268 
PHE HE1  H N N 269 
PHE HE2  H N N 270 
PHE HZ   H N N 271 
PHE HXT  H N N 272 
PO4 P    P N N 273 
PO4 O1   O N N 274 
PO4 O2   O N N 275 
PO4 O3   O N N 276 
PO4 O4   O N N 277 
PRO N    N N N 278 
PRO CA   C N S 279 
PRO C    C N N 280 
PRO O    O N N 281 
PRO CB   C N N 282 
PRO CG   C N N 283 
PRO CD   C N N 284 
PRO OXT  O N N 285 
PRO H    H N N 286 
PRO HA   H N N 287 
PRO HB2  H N N 288 
PRO HB3  H N N 289 
PRO HG2  H N N 290 
PRO HG3  H N N 291 
PRO HD2  H N N 292 
PRO HD3  H N N 293 
PRO HXT  H N N 294 
SER N    N N N 295 
SER CA   C N S 296 
SER C    C N N 297 
SER O    O N N 298 
SER CB   C N N 299 
SER OG   O N N 300 
SER OXT  O N N 301 
SER H    H N N 302 
SER H2   H N N 303 
SER HA   H N N 304 
SER HB2  H N N 305 
SER HB3  H N N 306 
SER HG   H N N 307 
SER HXT  H N N 308 
THR N    N N N 309 
THR CA   C N S 310 
THR C    C N N 311 
THR O    O N N 312 
THR CB   C N R 313 
THR OG1  O N N 314 
THR CG2  C N N 315 
THR OXT  O N N 316 
THR H    H N N 317 
THR H2   H N N 318 
THR HA   H N N 319 
THR HB   H N N 320 
THR HG1  H N N 321 
THR HG21 H N N 322 
THR HG22 H N N 323 
THR HG23 H N N 324 
THR HXT  H N N 325 
TYR N    N N N 326 
TYR CA   C N S 327 
TYR C    C N N 328 
TYR O    O N N 329 
TYR CB   C N N 330 
TYR CG   C Y N 331 
TYR CD1  C Y N 332 
TYR CD2  C Y N 333 
TYR CE1  C Y N 334 
TYR CE2  C Y N 335 
TYR CZ   C Y N 336 
TYR OH   O N N 337 
TYR OXT  O N N 338 
TYR H    H N N 339 
TYR H2   H N N 340 
TYR HA   H N N 341 
TYR HB2  H N N 342 
TYR HB3  H N N 343 
TYR HD1  H N N 344 
TYR HD2  H N N 345 
TYR HE1  H N N 346 
TYR HE2  H N N 347 
TYR HH   H N N 348 
TYR HXT  H N N 349 
VAL N    N N N 350 
VAL CA   C N S 351 
VAL C    C N N 352 
VAL O    O N N 353 
VAL CB   C N N 354 
VAL CG1  C N N 355 
VAL CG2  C N N 356 
VAL OXT  O N N 357 
VAL H    H N N 358 
VAL H2   H N N 359 
VAL HA   H N N 360 
VAL HB   H N N 361 
VAL HG11 H N N 362 
VAL HG12 H N N 363 
VAL HG13 H N N 364 
VAL HG21 H N N 365 
VAL HG22 H N N 366 
VAL HG23 H N N 367 
VAL HXT  H N N 368 
# 
loop_
_chem_comp_bond.comp_id 
_chem_comp_bond.atom_id_1 
_chem_comp_bond.atom_id_2 
_chem_comp_bond.value_order 
_chem_comp_bond.pdbx_aromatic_flag 
_chem_comp_bond.pdbx_stereo_config 
_chem_comp_bond.pdbx_ordinal 
ALA N   CA   sing N N 1   
ALA N   H    sing N N 2   
ALA N   H2   sing N N 3   
ALA CA  C    sing N N 4   
ALA CA  CB   sing N N 5   
ALA CA  HA   sing N N 6   
ALA C   O    doub N N 7   
ALA C   OXT  sing N N 8   
ALA CB  HB1  sing N N 9   
ALA CB  HB2  sing N N 10  
ALA CB  HB3  sing N N 11  
ALA OXT HXT  sing N N 12  
ARG N   CA   sing N N 13  
ARG N   H    sing N N 14  
ARG N   H2   sing N N 15  
ARG CA  C    sing N N 16  
ARG CA  CB   sing N N 17  
ARG CA  HA   sing N N 18  
ARG C   O    doub N N 19  
ARG C   OXT  sing N N 20  
ARG CB  CG   sing N N 21  
ARG CB  HB2  sing N N 22  
ARG CB  HB3  sing N N 23  
ARG CG  CD   sing N N 24  
ARG CG  HG2  sing N N 25  
ARG CG  HG3  sing N N 26  
ARG CD  NE   sing N N 27  
ARG CD  HD2  sing N N 28  
ARG CD  HD3  sing N N 29  
ARG NE  CZ   sing N N 30  
ARG NE  HE   sing N N 31  
ARG CZ  NH1  sing N N 32  
ARG CZ  NH2  doub N N 33  
ARG NH1 HH11 sing N N 34  
ARG NH1 HH12 sing N N 35  
ARG NH2 HH21 sing N N 36  
ARG NH2 HH22 sing N N 37  
ARG OXT HXT  sing N N 38  
ASN N   CA   sing N N 39  
ASN N   H    sing N N 40  
ASN N   H2   sing N N 41  
ASN CA  C    sing N N 42  
ASN CA  CB   sing N N 43  
ASN CA  HA   sing N N 44  
ASN C   O    doub N N 45  
ASN C   OXT  sing N N 46  
ASN CB  CG   sing N N 47  
ASN CB  HB2  sing N N 48  
ASN CB  HB3  sing N N 49  
ASN CG  OD1  doub N N 50  
ASN CG  ND2  sing N N 51  
ASN ND2 HD21 sing N N 52  
ASN ND2 HD22 sing N N 53  
ASN OXT HXT  sing N N 54  
ASP N   CA   sing N N 55  
ASP N   H    sing N N 56  
ASP N   H2   sing N N 57  
ASP CA  C    sing N N 58  
ASP CA  CB   sing N N 59  
ASP CA  HA   sing N N 60  
ASP C   O    doub N N 61  
ASP C   OXT  sing N N 62  
ASP CB  CG   sing N N 63  
ASP CB  HB2  sing N N 64  
ASP CB  HB3  sing N N 65  
ASP CG  OD1  doub N N 66  
ASP CG  OD2  sing N N 67  
ASP OD2 HD2  sing N N 68  
ASP OXT HXT  sing N N 69  
CYS N   CA   sing N N 70  
CYS N   H    sing N N 71  
CYS N   H2   sing N N 72  
CYS CA  C    sing N N 73  
CYS CA  CB   sing N N 74  
CYS CA  HA   sing N N 75  
CYS C   O    doub N N 76  
CYS C   OXT  sing N N 77  
CYS CB  SG   sing N N 78  
CYS CB  HB2  sing N N 79  
CYS CB  HB3  sing N N 80  
CYS SG  HG   sing N N 81  
CYS OXT HXT  sing N N 82  
GLN N   CA   sing N N 83  
GLN N   H    sing N N 84  
GLN N   H2   sing N N 85  
GLN CA  C    sing N N 86  
GLN CA  CB   sing N N 87  
GLN CA  HA   sing N N 88  
GLN C   O    doub N N 89  
GLN C   OXT  sing N N 90  
GLN CB  CG   sing N N 91  
GLN CB  HB2  sing N N 92  
GLN CB  HB3  sing N N 93  
GLN CG  CD   sing N N 94  
GLN CG  HG2  sing N N 95  
GLN CG  HG3  sing N N 96  
GLN CD  OE1  doub N N 97  
GLN CD  NE2  sing N N 98  
GLN NE2 HE21 sing N N 99  
GLN NE2 HE22 sing N N 100 
GLN OXT HXT  sing N N 101 
GLU N   CA   sing N N 102 
GLU N   H    sing N N 103 
GLU N   H2   sing N N 104 
GLU CA  C    sing N N 105 
GLU CA  CB   sing N N 106 
GLU CA  HA   sing N N 107 
GLU C   O    doub N N 108 
GLU C   OXT  sing N N 109 
GLU CB  CG   sing N N 110 
GLU CB  HB2  sing N N 111 
GLU CB  HB3  sing N N 112 
GLU CG  CD   sing N N 113 
GLU CG  HG2  sing N N 114 
GLU CG  HG3  sing N N 115 
GLU CD  OE1  doub N N 116 
GLU CD  OE2  sing N N 117 
GLU OE2 HE2  sing N N 118 
GLU OXT HXT  sing N N 119 
GLY N   CA   sing N N 120 
GLY N   H    sing N N 121 
GLY N   H2   sing N N 122 
GLY CA  C    sing N N 123 
GLY CA  HA2  sing N N 124 
GLY CA  HA3  sing N N 125 
GLY C   O    doub N N 126 
GLY C   OXT  sing N N 127 
GLY OXT HXT  sing N N 128 
HIS N   CA   sing N N 129 
HIS N   H    sing N N 130 
HIS N   H2   sing N N 131 
HIS CA  C    sing N N 132 
HIS CA  CB   sing N N 133 
HIS CA  HA   sing N N 134 
HIS C   O    doub N N 135 
HIS C   OXT  sing N N 136 
HIS CB  CG   sing N N 137 
HIS CB  HB2  sing N N 138 
HIS CB  HB3  sing N N 139 
HIS CG  ND1  sing Y N 140 
HIS CG  CD2  doub Y N 141 
HIS ND1 CE1  doub Y N 142 
HIS ND1 HD1  sing N N 143 
HIS CD2 NE2  sing Y N 144 
HIS CD2 HD2  sing N N 145 
HIS CE1 NE2  sing Y N 146 
HIS CE1 HE1  sing N N 147 
HIS NE2 HE2  sing N N 148 
HIS OXT HXT  sing N N 149 
HOH O   H1   sing N N 150 
HOH O   H2   sing N N 151 
ILE N   CA   sing N N 152 
ILE N   H    sing N N 153 
ILE N   H2   sing N N 154 
ILE CA  C    sing N N 155 
ILE CA  CB   sing N N 156 
ILE CA  HA   sing N N 157 
ILE C   O    doub N N 158 
ILE C   OXT  sing N N 159 
ILE CB  CG1  sing N N 160 
ILE CB  CG2  sing N N 161 
ILE CB  HB   sing N N 162 
ILE CG1 CD1  sing N N 163 
ILE CG1 HG12 sing N N 164 
ILE CG1 HG13 sing N N 165 
ILE CG2 HG21 sing N N 166 
ILE CG2 HG22 sing N N 167 
ILE CG2 HG23 sing N N 168 
ILE CD1 HD11 sing N N 169 
ILE CD1 HD12 sing N N 170 
ILE CD1 HD13 sing N N 171 
ILE OXT HXT  sing N N 172 
LEU N   CA   sing N N 173 
LEU N   H    sing N N 174 
LEU N   H2   sing N N 175 
LEU CA  C    sing N N 176 
LEU CA  CB   sing N N 177 
LEU CA  HA   sing N N 178 
LEU C   O    doub N N 179 
LEU C   OXT  sing N N 180 
LEU CB  CG   sing N N 181 
LEU CB  HB2  sing N N 182 
LEU CB  HB3  sing N N 183 
LEU CG  CD1  sing N N 184 
LEU CG  CD2  sing N N 185 
LEU CG  HG   sing N N 186 
LEU CD1 HD11 sing N N 187 
LEU CD1 HD12 sing N N 188 
LEU CD1 HD13 sing N N 189 
LEU CD2 HD21 sing N N 190 
LEU CD2 HD22 sing N N 191 
LEU CD2 HD23 sing N N 192 
LEU OXT HXT  sing N N 193 
LYS N   CA   sing N N 194 
LYS N   H    sing N N 195 
LYS N   H2   sing N N 196 
LYS CA  C    sing N N 197 
LYS CA  CB   sing N N 198 
LYS CA  HA   sing N N 199 
LYS C   O    doub N N 200 
LYS C   OXT  sing N N 201 
LYS CB  CG   sing N N 202 
LYS CB  HB2  sing N N 203 
LYS CB  HB3  sing N N 204 
LYS CG  CD   sing N N 205 
LYS CG  HG2  sing N N 206 
LYS CG  HG3  sing N N 207 
LYS CD  CE   sing N N 208 
LYS CD  HD2  sing N N 209 
LYS CD  HD3  sing N N 210 
LYS CE  NZ   sing N N 211 
LYS CE  HE2  sing N N 212 
LYS CE  HE3  sing N N 213 
LYS NZ  HZ1  sing N N 214 
LYS NZ  HZ2  sing N N 215 
LYS NZ  HZ3  sing N N 216 
LYS OXT HXT  sing N N 217 
MET N   CA   sing N N 218 
MET N   H    sing N N 219 
MET N   H2   sing N N 220 
MET CA  C    sing N N 221 
MET CA  CB   sing N N 222 
MET CA  HA   sing N N 223 
MET C   O    doub N N 224 
MET C   OXT  sing N N 225 
MET CB  CG   sing N N 226 
MET CB  HB2  sing N N 227 
MET CB  HB3  sing N N 228 
MET CG  SD   sing N N 229 
MET CG  HG2  sing N N 230 
MET CG  HG3  sing N N 231 
MET SD  CE   sing N N 232 
MET CE  HE1  sing N N 233 
MET CE  HE2  sing N N 234 
MET CE  HE3  sing N N 235 
MET OXT HXT  sing N N 236 
PHE N   CA   sing N N 237 
PHE N   H    sing N N 238 
PHE N   H2   sing N N 239 
PHE CA  C    sing N N 240 
PHE CA  CB   sing N N 241 
PHE CA  HA   sing N N 242 
PHE C   O    doub N N 243 
PHE C   OXT  sing N N 244 
PHE CB  CG   sing N N 245 
PHE CB  HB2  sing N N 246 
PHE CB  HB3  sing N N 247 
PHE CG  CD1  doub Y N 248 
PHE CG  CD2  sing Y N 249 
PHE CD1 CE1  sing Y N 250 
PHE CD1 HD1  sing N N 251 
PHE CD2 CE2  doub Y N 252 
PHE CD2 HD2  sing N N 253 
PHE CE1 CZ   doub Y N 254 
PHE CE1 HE1  sing N N 255 
PHE CE2 CZ   sing Y N 256 
PHE CE2 HE2  sing N N 257 
PHE CZ  HZ   sing N N 258 
PHE OXT HXT  sing N N 259 
PO4 P   O1   doub N N 260 
PO4 P   O2   sing N N 261 
PO4 P   O3   sing N N 262 
PO4 P   O4   sing N N 263 
PRO N   CA   sing N N 264 
PRO N   CD   sing N N 265 
PRO N   H    sing N N 266 
PRO CA  C    sing N N 267 
PRO CA  CB   sing N N 268 
PRO CA  HA   sing N N 269 
PRO C   O    doub N N 270 
PRO C   OXT  sing N N 271 
PRO CB  CG   sing N N 272 
PRO CB  HB2  sing N N 273 
PRO CB  HB3  sing N N 274 
PRO CG  CD   sing N N 275 
PRO CG  HG2  sing N N 276 
PRO CG  HG3  sing N N 277 
PRO CD  HD2  sing N N 278 
PRO CD  HD3  sing N N 279 
PRO OXT HXT  sing N N 280 
SER N   CA   sing N N 281 
SER N   H    sing N N 282 
SER N   H2   sing N N 283 
SER CA  C    sing N N 284 
SER CA  CB   sing N N 285 
SER CA  HA   sing N N 286 
SER C   O    doub N N 287 
SER C   OXT  sing N N 288 
SER CB  OG   sing N N 289 
SER CB  HB2  sing N N 290 
SER CB  HB3  sing N N 291 
SER OG  HG   sing N N 292 
SER OXT HXT  sing N N 293 
THR N   CA   sing N N 294 
THR N   H    sing N N 295 
THR N   H2   sing N N 296 
THR CA  C    sing N N 297 
THR CA  CB   sing N N 298 
THR CA  HA   sing N N 299 
THR C   O    doub N N 300 
THR C   OXT  sing N N 301 
THR CB  OG1  sing N N 302 
THR CB  CG2  sing N N 303 
THR CB  HB   sing N N 304 
THR OG1 HG1  sing N N 305 
THR CG2 HG21 sing N N 306 
THR CG2 HG22 sing N N 307 
THR CG2 HG23 sing N N 308 
THR OXT HXT  sing N N 309 
TYR N   CA   sing N N 310 
TYR N   H    sing N N 311 
TYR N   H2   sing N N 312 
TYR CA  C    sing N N 313 
TYR CA  CB   sing N N 314 
TYR CA  HA   sing N N 315 
TYR C   O    doub N N 316 
TYR C   OXT  sing N N 317 
TYR CB  CG   sing N N 318 
TYR CB  HB2  sing N N 319 
TYR CB  HB3  sing N N 320 
TYR CG  CD1  doub Y N 321 
TYR CG  CD2  sing Y N 322 
TYR CD1 CE1  sing Y N 323 
TYR CD1 HD1  sing N N 324 
TYR CD2 CE2  doub Y N 325 
TYR CD2 HD2  sing N N 326 
TYR CE1 CZ   doub Y N 327 
TYR CE1 HE1  sing N N 328 
TYR CE2 CZ   sing Y N 329 
TYR CE2 HE2  sing N N 330 
TYR CZ  OH   sing N N 331 
TYR OH  HH   sing N N 332 
TYR OXT HXT  sing N N 333 
VAL N   CA   sing N N 334 
VAL N   H    sing N N 335 
VAL N   H2   sing N N 336 
VAL CA  C    sing N N 337 
VAL CA  CB   sing N N 338 
VAL CA  HA   sing N N 339 
VAL C   O    doub N N 340 
VAL C   OXT  sing N N 341 
VAL CB  CG1  sing N N 342 
VAL CB  CG2  sing N N 343 
VAL CB  HB   sing N N 344 
VAL CG1 HG11 sing N N 345 
VAL CG1 HG12 sing N N 346 
VAL CG1 HG13 sing N N 347 
VAL CG2 HG21 sing N N 348 
VAL CG2 HG22 sing N N 349 
VAL CG2 HG23 sing N N 350 
VAL OXT HXT  sing N N 351 
# 
_pdbx_audit_support.funding_organization   'KU Leuven' 
_pdbx_audit_support.country                Belgium 
_pdbx_audit_support.grant_number           'GOA-project KUL_3E140356' 
_pdbx_audit_support.ordinal                1 
# 
_atom_sites.entry_id                    6QLC 
_atom_sites.fract_transf_matrix[1][1]   0.00496333 
_atom_sites.fract_transf_matrix[1][2]   0.00901044 
_atom_sites.fract_transf_matrix[1][3]   -0.00457383 
_atom_sites.fract_transf_matrix[2][1]   0.00273522 
_atom_sites.fract_transf_matrix[2][2]   0.00370757 
_atom_sites.fract_transf_matrix[2][3]   0.01027205 
_atom_sites.fract_transf_matrix[3][1]   0.01367638 
_atom_sites.fract_transf_matrix[3][2]   -0.00792933 
_atom_sites.fract_transf_matrix[3][3]   -0.00077973 
_atom_sites.fract_transf_vector[1]      -0.011083 
_atom_sites.fract_transf_vector[2]      -0.215906 
_atom_sites.fract_transf_vector[3]      -0.316630 
# 
loop_
_atom_type.symbol 
C 
N 
O 
P 
S 
# 
loop_
_atom_site.group_PDB 
_atom_site.id 
_atom_site.type_symbol 
_atom_site.label_atom_id 
_atom_site.label_alt_id 
_atom_site.label_comp_id 
_atom_site.label_asym_id 
_atom_site.label_entity_id 
_atom_site.label_seq_id 
_atom_site.pdbx_PDB_ins_code 
_atom_site.Cartn_x 
_atom_site.Cartn_y 
_atom_site.Cartn_z 
_atom_site.occupancy 
_atom_site.B_iso_or_equiv 
_atom_site.pdbx_formal_charge 
_atom_site.auth_seq_id 
_atom_site.auth_comp_id 
_atom_site.auth_asym_id 
_atom_site.auth_atom_id 
_atom_site.pdbx_PDB_model_num 
ATOM   1   N N   . LYS A 1 23  ? -2.085  -13.649 18.067  0.00 87.26  ? 18  LYS A N   1 
ATOM   2   C CA  . LYS A 1 23  ? -1.014  -13.124 18.904  0.00 88.09  ? 18  LYS A CA  1 
ATOM   3   C C   . LYS A 1 23  ? -0.005  -12.350 18.067  1.00 92.44  ? 18  LYS A C   1 
ATOM   4   O O   . LYS A 1 23  ? 0.397   -12.810 16.998  1.00 101.37 ? 18  LYS A O   1 
ATOM   5   C CB  . LYS A 1 23  ? -0.315  -14.257 19.659  0.00 86.74  ? 18  LYS A CB  1 
ATOM   6   C CG  . LYS A 1 23  ? 1.000   -13.856 20.306  0.00 86.75  ? 18  LYS A CG  1 
ATOM   7   C CD  . LYS A 1 23  ? 1.988   -15.010 20.313  0.00 85.27  ? 18  LYS A CD  1 
ATOM   8   C CE  . LYS A 1 23  ? 3.407   -14.523 20.065  0.00 84.07  ? 18  LYS A CE  1 
ATOM   9   N NZ  . LYS A 1 23  ? 4.372   -15.654 19.981  0.00 81.41  ? 18  LYS A NZ  1 
ATOM   10  N N   . GLY A 1 24  ? 0.391   -11.172 18.541  1.00 90.37  ? 19  GLY A N   1 
ATOM   11  C CA  . GLY A 1 24  ? 1.433   -10.394 17.901  1.00 92.96  ? 19  GLY A CA  1 
ATOM   12  C C   . GLY A 1 24  ? 0.883   -9.307  16.987  1.00 100.55 ? 19  GLY A C   1 
ATOM   13  O O   . GLY A 1 24  ? -0.323  -9.198  16.737  1.00 101.82 ? 19  GLY A O   1 
ATOM   14  N N   . ALA A 1 25  ? 1.805   -8.492  16.477  1.00 90.41  ? 20  ALA A N   1 
ATOM   15  C CA  . ALA A 1 25  ? 1.485   -7.322  15.668  1.00 88.43  ? 20  ALA A CA  1 
ATOM   16  C C   . ALA A 1 25  ? 1.991   -7.497  14.238  1.00 92.85  ? 20  ALA A C   1 
ATOM   17  O O   . ALA A 1 25  ? 2.674   -8.471  13.910  1.00 96.18  ? 20  ALA A O   1 
ATOM   18  C CB  . ALA A 1 25  ? 2.081   -6.052  16.292  1.00 71.72  ? 20  ALA A CB  1 
ATOM   19  N N   . SER A 1 26  ? 1.635   -6.533  13.384  1.00 83.95  ? 21  SER A N   1 
ATOM   20  C CA  . SER A 1 26  ? 2.061   -6.524  11.986  1.00 85.06  ? 21  SER A CA  1 
ATOM   21  C C   . SER A 1 26  ? 1.994   -5.100  11.450  1.00 79.08  ? 21  SER A C   1 
ATOM   22  O O   . SER A 1 26  ? 1.358   -4.224  12.041  1.00 73.47  ? 21  SER A O   1 
ATOM   23  C CB  . SER A 1 26  ? 1.205   -7.459  11.118  1.00 76.94  ? 21  SER A CB  1 
ATOM   24  O OG  . SER A 1 26  ? -0.176  -7.286  11.378  1.00 77.16  ? 21  SER A OG  1 
ATOM   25  N N   . ALA A 1 27  ? 2.659   -4.881  10.319  1.00 73.06  ? 22  ALA A N   1 
ATOM   26  C CA  . ALA A 1 27  ? 2.664   -3.582  9.666   1.00 61.74  ? 22  ALA A CA  1 
ATOM   27  C C   . ALA A 1 27  ? 1.652   -3.563  8.527   1.00 63.26  ? 22  ALA A C   1 
ATOM   28  O O   . ALA A 1 27  ? 1.346   -4.601  7.935   1.00 58.49  ? 22  ALA A O   1 
ATOM   29  C CB  . ALA A 1 27  ? 4.054   -3.240  9.142   1.00 48.93  ? 22  ALA A CB  1 
ATOM   30  N N   . TYR A 1 28  ? 1.120   -2.368  8.239   1.00 49.48  ? 23  TYR A N   1 
ATOM   31  C CA  . TYR A 1 28  ? 0.130   -2.155  7.192   1.00 45.10  ? 23  TYR A CA  1 
ATOM   32  C C   . TYR A 1 28  ? 0.555   -0.983  6.323   1.00 50.93  ? 23  TYR A C   1 
ATOM   33  O O   . TYR A 1 28  ? 1.139   -0.008  6.804   1.00 51.00  ? 23  TYR A O   1 
ATOM   34  C CB  . TYR A 1 28  ? -1.285  -1.881  7.779   1.00 52.58  ? 23  TYR A CB  1 
ATOM   35  C CG  . TYR A 1 28  ? -1.969  -3.143  8.273   1.00 60.91  ? 23  TYR A CG  1 
ATOM   36  C CD1 . TYR A 1 28  ? -1.410  -3.898  9.303   1.00 74.73  ? 23  TYR A CD1 1 
ATOM   37  C CD2 . TYR A 1 28  ? -3.149  -3.605  7.692   1.00 69.32  ? 23  TYR A CD2 1 
ATOM   38  C CE1 . TYR A 1 28  ? -2.000  -5.072  9.751   1.00 73.41  ? 23  TYR A CE1 1 
ATOM   39  C CE2 . TYR A 1 28  ? -3.759  -4.789  8.144   1.00 75.16  ? 23  TYR A CE2 1 
ATOM   40  C CZ  . TYR A 1 28  ? -3.171  -5.513  9.177   1.00 80.85  ? 23  TYR A CZ  1 
ATOM   41  O OH  . TYR A 1 28  ? -3.738  -6.680  9.647   1.00 91.88  ? 23  TYR A OH  1 
ATOM   42  N N   . LEU A 1 29  ? 0.257   -1.079  5.035   1.00 49.55  ? 24  LEU A N   1 
ATOM   43  C CA  . LEU A 1 29  ? 0.418   0.043   4.118   1.00 50.34  ? 24  LEU A CA  1 
ATOM   44  C C   . LEU A 1 29  ? -0.958  0.603   3.809   1.00 46.84  ? 24  LEU A C   1 
ATOM   45  O O   . LEU A 1 29  ? -1.767  -0.069  3.163   1.00 56.59  ? 24  LEU A O   1 
ATOM   46  C CB  . LEU A 1 29  ? 1.106   -0.387  2.829   1.00 54.82  ? 24  LEU A CB  1 
ATOM   47  C CG  . LEU A 1 29  ? 1.536   0.827   2.025   1.00 48.69  ? 24  LEU A CG  1 
ATOM   48  C CD1 . LEU A 1 29  ? 2.850   1.300   2.559   1.00 47.14  ? 24  LEU A CD1 1 
ATOM   49  C CD2 . LEU A 1 29  ? 1.644   0.497   0.564   1.00 46.66  ? 24  LEU A CD2 1 
ATOM   50  N N   . ASN A 1 30  ? -1.207  1.837   4.233   1.00 46.29  ? 25  ASN A N   1 
ATOM   51  C CA  . ASN A 1 30  ? -2.515  2.462   4.123   1.00 52.84  ? 25  ASN A CA  1 
ATOM   52  C C   . ASN A 1 30  ? -2.528  3.531   3.048   1.00 46.50  ? 25  ASN A C   1 
ATOM   53  O O   . ASN A 1 30  ? -1.642  4.392   2.996   1.00 42.78  ? 25  ASN A O   1 
ATOM   54  C CB  . ASN A 1 30  ? -2.912  3.059   5.462   1.00 49.37  ? 25  ASN A CB  1 
ATOM   55  C CG  . ASN A 1 30  ? -3.054  1.998   6.513   1.00 57.14  ? 25  ASN A CG  1 
ATOM   56  O OD1 . ASN A 1 30  ? -3.942  1.156   6.423   1.00 56.02  ? 25  ASN A OD1 1 
ATOM   57  N ND2 . ASN A 1 30  ? -2.151  1.991   7.487   1.00 60.29  ? 25  ASN A ND2 1 
ATOM   58  N N   . PHE A 1 31  ? -3.556  3.494   2.221   1.00 44.38  ? 26  PHE A N   1 
ATOM   59  C CA  . PHE A 1 31  ? -3.735  4.458   1.149   1.00 40.68  ? 26  PHE A CA  1 
ATOM   60  C C   . PHE A 1 31  ? -4.855  5.405   1.563   1.00 47.43  ? 26  PHE A C   1 
ATOM   61  O O   . PHE A 1 31  ? -6.019  4.999   1.622   1.00 41.89  ? 26  PHE A O   1 
ATOM   62  C CB  . PHE A 1 31  ? -4.069  3.737   -0.154  1.00 50.41  ? 26  PHE A CB  1 
ATOM   63  C CG  . PHE A 1 31  ? -2.974  2.832   -0.637  1.00 46.63  ? 26  PHE A CG  1 
ATOM   64  C CD1 . PHE A 1 31  ? -2.697  1.643   0.018   1.00 52.58  ? 26  PHE A CD1 1 
ATOM   65  C CD2 . PHE A 1 31  ? -2.208  3.190   -1.729  1.00 43.60  ? 26  PHE A CD2 1 
ATOM   66  C CE1 . PHE A 1 31  ? -1.681  0.812   -0.412  1.00 50.97  ? 26  PHE A CE1 1 
ATOM   67  C CE2 . PHE A 1 31  ? -1.198  2.370   -2.174  1.00 57.27  ? 26  PHE A CE2 1 
ATOM   68  C CZ  . PHE A 1 31  ? -0.929  1.174   -1.510  1.00 51.23  ? 26  PHE A CZ  1 
ATOM   69  N N   . HIS A 1 32  ? -4.512  6.664   1.837   1.00 42.99  ? 27  HIS A N   1 
ATOM   70  C CA  . HIS A 1 32  ? -5.507  7.661   2.215   1.00 50.93  ? 27  HIS A CA  1 
ATOM   71  C C   . HIS A 1 32  ? -5.796  8.601   1.062   1.00 48.78  ? 27  HIS A C   1 
ATOM   72  O O   . HIS A 1 32  ? -4.933  8.862   0.218   1.00 48.20  ? 27  HIS A O   1 
ATOM   73  C CB  . HIS A 1 32  ? -5.048  8.476   3.422   1.00 42.09  ? 27  HIS A CB  1 
ATOM   74  C CG  . HIS A 1 32  ? -5.125  7.720   4.706   1.00 51.69  ? 27  HIS A CG  1 
ATOM   75  N ND1 . HIS A 1 32  ? -4.107  6.898   5.143   1.00 61.84  ? 27  HIS A ND1 1 
ATOM   76  C CD2 . HIS A 1 32  ? -6.110  7.627   5.631   1.00 50.16  ? 27  HIS A CD2 1 
ATOM   77  C CE1 . HIS A 1 32  ? -4.458  6.342   6.289   1.00 57.97  ? 27  HIS A CE1 1 
ATOM   78  N NE2 . HIS A 1 32  ? -5.667  6.770   6.609   1.00 65.62  ? 27  HIS A NE2 1 
ATOM   79  N N   . PHE A 1 33  ? -7.025  9.125   1.046   1.00 43.33  ? 28  PHE A N   1 
ATOM   80  C CA  . PHE A 1 33  ? -7.408  10.117  0.061   1.00 40.52  ? 28  PHE A CA  1 
ATOM   81  C C   . PHE A 1 33  ? -8.129  11.295  0.711   1.00 48.12  ? 28  PHE A C   1 
ATOM   82  O O   . PHE A 1 33  ? -8.923  11.093  1.635   1.00 51.28  ? 28  PHE A O   1 
ATOM   83  C CB  . PHE A 1 33  ? -8.303  9.490   -0.998  1.00 37.89  ? 28  PHE A CB  1 
ATOM   84  C CG  . PHE A 1 33  ? -8.378  10.296  -2.244  1.00 60.62  ? 28  PHE A CG  1 
ATOM   85  C CD1 . PHE A 1 33  ? -7.387  10.184  -3.220  1.00 58.61  ? 28  PHE A CD1 1 
ATOM   86  C CD2 . PHE A 1 33  ? -9.418  11.202  -2.434  1.00 52.33  ? 28  PHE A CD2 1 
ATOM   87  C CE1 . PHE A 1 33  ? -7.444  10.955  -4.384  1.00 60.07  ? 28  PHE A CE1 1 
ATOM   88  C CE2 . PHE A 1 33  ? -9.493  11.974  -3.581  1.00 47.31  ? 28  PHE A CE2 1 
ATOM   89  C CZ  . PHE A 1 33  ? -8.504  11.856  -4.566  1.00 71.51  ? 28  PHE A CZ  1 
ATOM   90  N N   . PRO A 1 34  ? -7.866  12.532  0.260   1.00 47.10  ? 29  PRO A N   1 
ATOM   91  C CA  A PRO A 1 34  ? -8.540  13.694  0.860   0.34 50.53  ? 29  PRO A CA  1 
ATOM   92  C CA  B PRO A 1 34  ? -8.540  13.698  0.852   0.66 50.45  ? 29  PRO A CA  1 
ATOM   93  C C   . PRO A 1 34  ? -10.037 13.706  0.569   1.00 47.42  ? 29  PRO A C   1 
ATOM   94  O O   . PRO A 1 34  ? -10.483 13.351  -0.528  1.00 43.96  ? 29  PRO A O   1 
ATOM   95  C CB  A PRO A 1 34  ? -7.831  14.889  0.208   0.34 48.68  ? 29  PRO A CB  1 
ATOM   96  C CB  B PRO A 1 34  ? -7.844  14.889  0.177   0.66 48.59  ? 29  PRO A CB  1 
ATOM   97  C CG  A PRO A 1 34  ? -6.504  14.341  -0.254  0.34 51.24  ? 29  PRO A CG  1 
ATOM   98  C CG  B PRO A 1 34  ? -7.317  14.326  -1.118  0.66 53.87  ? 29  PRO A CG  1 
ATOM   99  C CD  A PRO A 1 34  ? -6.791  12.931  -0.665  0.34 48.39  ? 29  PRO A CD  1 
ATOM   100 C CD  B PRO A 1 34  ? -6.873  12.935  -0.752  0.66 48.41  ? 29  PRO A CD  1 
ATOM   101 N N   . THR A 1 35  ? -10.811 14.137  1.570   1.00 44.80  ? 30  THR A N   1 
ATOM   102 C CA  . THR A 1 35  ? -12.276 14.184  1.528   1.00 40.67  ? 30  THR A CA  1 
ATOM   103 C C   . THR A 1 35  ? -12.780 15.630  1.554   1.00 40.59  ? 30  THR A C   1 
ATOM   104 O O   . THR A 1 35  ? -12.042 16.565  1.859   1.00 46.50  ? 30  THR A O   1 
ATOM   105 C CB  . THR A 1 35  ? -12.885 13.393  2.700   1.00 33.87  ? 30  THR A CB  1 
ATOM   106 O OG1 . THR A 1 35  ? -12.279 13.806  3.933   1.00 38.26  ? 30  THR A OG1 1 
ATOM   107 C CG2 . THR A 1 35  ? -12.622 11.908  2.536   1.00 43.17  ? 30  THR A CG2 1 
ATOM   108 N N   . ARG A 1 36  ? -14.075 15.806  1.249   1.00 40.90  ? 31  ARG A N   1 
ATOM   109 C CA  . ARG A 1 36  ? -14.611 17.154  1.043   1.00 52.70  ? 31  ARG A CA  1 
ATOM   110 C C   . ARG A 1 36  ? -14.643 17.985  2.319   1.00 53.14  ? 31  ARG A C   1 
ATOM   111 O O   . ARG A 1 36  ? -14.627 19.213  2.232   1.00 55.27  ? 31  ARG A O   1 
ATOM   112 C CB  . ARG A 1 36  ? -16.006 17.094  0.439   1.00 49.91  ? 31  ARG A CB  1 
ATOM   113 C CG  . ARG A 1 36  ? -16.071 16.339  -0.879  1.00 60.30  ? 31  ARG A CG  1 
ATOM   114 C CD  . ARG A 1 36  ? -16.687 17.174  -1.999  1.00 60.47  ? 31  ARG A CD  1 
ATOM   115 N NE  . ARG A 1 36  ? -16.317 16.652  -3.315  1.00 67.39  ? 31  ARG A NE  1 
ATOM   116 C CZ  . ARG A 1 36  ? -17.070 15.825  -4.040  1.00 73.50  ? 31  ARG A CZ  1 
ATOM   117 N NH1 . ARG A 1 36  ? -18.255 15.422  -3.587  1.00 55.30  ? 31  ARG A NH1 1 
ATOM   118 N NH2 . ARG A 1 36  ? -16.637 15.405  -5.226  1.00 74.34  ? 31  ARG A NH2 1 
ATOM   119 N N   . ASP A 1 37  ? -14.667 17.351  3.488   1.00 49.61  ? 32  ASP A N   1 
ATOM   120 C CA  . ASP A 1 37  ? -14.563 18.043  4.763   1.00 42.26  ? 32  ASP A CA  1 
ATOM   121 C C   . ASP A 1 37  ? -13.149 18.481  5.076   1.00 53.83  ? 32  ASP A C   1 
ATOM   122 O O   . ASP A 1 37  ? -12.887 18.885  6.212   1.00 47.95  ? 32  ASP A O   1 
ATOM   123 C CB  . ASP A 1 37  ? -15.065 17.143  5.895   1.00 54.35  ? 32  ASP A CB  1 
ATOM   124 C CG  . ASP A 1 37  ? -14.243 15.856  6.030   1.00 51.30  ? 32  ASP A CG  1 
ATOM   125 O OD1 . ASP A 1 37  ? -13.247 15.699  5.294   1.00 47.36  ? 32  ASP A OD1 1 
ATOM   126 O OD2 . ASP A 1 37  ? -14.586 15.007  6.872   1.00 44.60  ? 32  ASP A OD2 1 
ATOM   127 N N   . GLY A 1 38  ? -12.222 18.360  4.128   1.00 47.69  ? 33  GLY A N   1 
ATOM   128 C CA  . GLY A 1 38  ? -10.860 18.755  4.386   1.00 49.43  ? 33  GLY A CA  1 
ATOM   129 C C   . GLY A 1 38  ? -10.054 17.796  5.228   1.00 47.93  ? 33  GLY A C   1 
ATOM   130 O O   . GLY A 1 38  ? -8.893  18.091  5.521   1.00 49.51  ? 33  GLY A O   1 
ATOM   131 N N   . LYS A 1 39  ? -10.621 16.664  5.648   1.00 47.97  ? 34  LYS A N   1 
ATOM   132 C CA  . LYS A 1 39  ? -9.780  15.630  6.256   1.00 54.96  ? 34  LYS A CA  1 
ATOM   133 C C   . LYS A 1 39  ? -9.404  14.588  5.203   1.00 41.63  ? 34  LYS A C   1 
ATOM   134 O O   . LYS A 1 39  ? -9.185  14.938  4.041   1.00 43.78  ? 34  LYS A O   1 
ATOM   135 C CB  . LYS A 1 39  ? -10.478 14.973  7.443   1.00 52.16  ? 34  LYS A CB  1 
ATOM   136 C CG  . LYS A 1 39  ? -10.730 15.911  8.617   1.00 59.20  ? 34  LYS A CG  1 
ATOM   137 C CD  . LYS A 1 39  ? -12.112 15.675  9.210   1.00 61.86  ? 34  LYS A CD  1 
ATOM   138 C CE  . LYS A 1 39  ? -12.134 15.978  10.700  1.00 73.22  ? 34  LYS A CE  1 
ATOM   139 N NZ  . LYS A 1 39  ? -11.633 17.354  10.992  1.00 72.53  ? 34  LYS A NZ  1 
ATOM   140 N N   . ASP A 1 40  ? -9.323  13.311  5.580   1.00 43.16  ? 35  ASP A N   1 
ATOM   141 C CA  . ASP A 1 40  ? -9.065  12.274  4.595   1.00 49.55  ? 35  ASP A CA  1 
ATOM   142 C C   . ASP A 1 40  ? -9.841  11.018  4.980   1.00 57.17  ? 35  ASP A C   1 
ATOM   143 O O   . ASP A 1 40  ? -10.511 10.969  6.018   1.00 46.35  ? 35  ASP A O   1 
ATOM   144 C CB  . ASP A 1 40  ? -7.547  12.035  4.427   1.00 50.50  ? 35  ASP A CB  1 
ATOM   145 C CG  . ASP A 1 40  ? -6.883  11.379  5.639   1.00 55.36  ? 35  ASP A CG  1 
ATOM   146 O OD1 . ASP A 1 40  ? -7.571  10.868  6.550   1.00 55.28  ? 35  ASP A OD1 1 
ATOM   147 O OD2 . ASP A 1 40  ? -5.631  11.354  5.660   1.00 63.18  ? 35  ASP A OD2 1 
ATOM   148 N N   . VAL A 1 41  ? -9.770  10.005  4.114   1.00 48.65  ? 36  VAL A N   1 
ATOM   149 C CA  . VAL A 1 41  ? -10.374 8.703   4.373   1.00 50.30  ? 36  VAL A CA  1 
ATOM   150 C C   . VAL A 1 41  ? -9.414  7.611   3.898   1.00 44.68  ? 36  VAL A C   1 
ATOM   151 O O   . VAL A 1 41  ? -8.761  7.749   2.858   1.00 51.76  ? 36  VAL A O   1 
ATOM   152 C CB  . VAL A 1 41  ? -11.756 8.586   3.696   1.00 37.93  ? 36  VAL A CB  1 
ATOM   153 C CG1 . VAL A 1 41  ? -11.638 8.623   2.179   1.00 42.23  ? 36  VAL A CG1 1 
ATOM   154 C CG2 . VAL A 1 41  ? -12.501 7.346   4.161   1.00 46.77  ? 36  VAL A CG2 1 
ATOM   155 N N   A ARG A 1 42  ? -9.329  6.527   4.660   0.51 47.05  ? 37  ARG A N   1 
ATOM   156 N N   B ARG A 1 42  ? -9.309  6.545   4.686   0.49 46.65  ? 37  ARG A N   1 
ATOM   157 C CA  A ARG A 1 42  ? -8.445  5.406   4.327   0.51 51.12  ? 37  ARG A CA  1 
ATOM   158 C CA  B ARG A 1 42  ? -8.487  5.386   4.334   0.49 51.71  ? 37  ARG A CA  1 
ATOM   159 C C   A ARG A 1 42  ? -9.142  4.530   3.290   0.51 47.83  ? 37  ARG A C   1 
ATOM   160 C C   B ARG A 1 42  ? -9.218  4.589   3.261   0.49 47.46  ? 37  ARG A C   1 
ATOM   161 O O   A ARG A 1 42  ? -10.057 3.771   3.616   0.51 48.35  ? 37  ARG A O   1 
ATOM   162 O O   B ARG A 1 42  ? -10.244 3.957   3.535   0.49 48.18  ? 37  ARG A O   1 
ATOM   163 C CB  A ARG A 1 42  ? -8.095  4.615   5.583   0.51 50.21  ? 37  ARG A CB  1 
ATOM   164 C CB  B ARG A 1 42  ? -8.209  4.531   5.569   0.49 50.16  ? 37  ARG A CB  1 
ATOM   165 C CG  A ARG A 1 42  ? -7.232  3.385   5.339   0.51 52.40  ? 37  ARG A CG  1 
ATOM   166 C CG  B ARG A 1 42  ? -7.844  3.077   5.261   0.49 52.05  ? 37  ARG A CG  1 
ATOM   167 C CD  A ARG A 1 42  ? -6.948  2.653   6.642   0.51 51.40  ? 37  ARG A CD  1 
ATOM   168 C CD  B ARG A 1 42  ? -7.253  2.351   6.474   0.49 52.21  ? 37  ARG A CD  1 
ATOM   169 N NE  A ARG A 1 42  ? -6.023  3.399   7.484   0.51 54.83  ? 37  ARG A NE  1 
ATOM   170 N NE  B ARG A 1 42  ? -8.277  1.800   7.360   0.49 51.10  ? 37  ARG A NE  1 
ATOM   171 C CZ  A ARG A 1 42  ? -5.777  3.117   8.758   0.51 60.93  ? 37  ARG A CZ  1 
ATOM   172 C CZ  B ARG A 1 42  ? -9.054  0.761   7.071   0.49 53.99  ? 37  ARG A CZ  1 
ATOM   173 N NH1 A ARG A 1 42  ? -6.392  2.099   9.345   0.51 55.22  ? 37  ARG A NH1 1 
ATOM   174 N NH1 B ARG A 1 42  ? -8.940  0.132   5.906   0.49 58.68  ? 37  ARG A NH1 1 
ATOM   175 N NH2 A ARG A 1 42  ? -4.911  3.853   9.443   0.51 59.98  ? 37  ARG A NH2 1 
ATOM   176 N NH2 B ARG A 1 42  ? -9.952  0.346   7.956   0.49 61.35  ? 37  ARG A NH2 1 
ATOM   177 N N   . LEU A 1 43  ? -8.723  4.643   2.025   1.00 42.82  ? 38  LEU A N   1 
ATOM   178 C CA  . LEU A 1 43  ? -9.374  3.890   0.955   1.00 48.59  ? 38  LEU A CA  1 
ATOM   179 C C   . LEU A 1 43  ? -9.164  2.391   1.127   1.00 48.81  ? 38  LEU A C   1 
ATOM   180 O O   . LEU A 1 43  ? -10.129 1.616   1.136   1.00 61.25  ? 38  LEU A O   1 
ATOM   181 C CB  . LEU A 1 43  ? -8.858  4.350   -0.407  1.00 46.25  ? 38  LEU A CB  1 
ATOM   182 C CG  . LEU A 1 43  ? -9.653  5.512   -0.983  1.00 59.04  ? 38  LEU A CG  1 
ATOM   183 C CD1 . LEU A 1 43  ? -9.046  6.007   -2.294  1.00 59.78  ? 38  LEU A CD1 1 
ATOM   184 C CD2 . LEU A 1 43  ? -11.087 5.067   -1.168  1.00 56.28  ? 38  LEU A CD2 1 
ATOM   185 N N   . VAL A 1 44  ? -7.907  1.963   1.252   1.00 57.43  ? 39  VAL A N   1 
ATOM   186 C CA  . VAL A 1 44  ? -7.537  0.551   1.281   1.00 43.71  ? 39  VAL A CA  1 
ATOM   187 C C   . VAL A 1 44  ? -6.345  0.396   2.206   1.00 47.45  ? 39  VAL A C   1 
ATOM   188 O O   . VAL A 1 44  ? -5.532  1.313   2.367   1.00 48.12  ? 39  VAL A O   1 
ATOM   189 C CB  . VAL A 1 44  ? -7.175  -0.015  -0.115  1.00 55.80  ? 39  VAL A CB  1 
ATOM   190 C CG1 . VAL A 1 44  ? -8.229  0.301   -1.106  1.00 67.28  ? 39  VAL A CG1 1 
ATOM   191 C CG2 . VAL A 1 44  ? -5.873  0.562   -0.605  1.00 51.57  ? 39  VAL A CG2 1 
ATOM   192 N N   . SER A 1 45  ? -6.238  -0.784  2.805   1.00 42.28  ? 40  SER A N   1 
ATOM   193 C CA  . SER A 1 45  ? -5.109  -1.128  3.655   1.00 59.99  ? 40  SER A CA  1 
ATOM   194 C C   . SER A 1 45  ? -4.452  -2.399  3.130   1.00 55.62  ? 40  SER A C   1 
ATOM   195 O O   . SER A 1 45  ? -5.142  -3.328  2.701   1.00 53.97  ? 40  SER A O   1 
ATOM   196 C CB  . SER A 1 45  ? -5.566  -1.321  5.099   1.00 51.43  ? 40  SER A CB  1 
ATOM   197 O OG  . SER A 1 45  ? -4.540  -0.970  5.999   1.00 60.57  ? 40  SER A OG  1 
ATOM   198 N N   . LEU A 1 46  ? -3.123  -2.443  3.154   1.00 53.13  ? 41  LEU A N   1 
ATOM   199 C CA  . LEU A 1 46  ? -2.383  -3.639  2.767   1.00 48.15  ? 41  LEU A CA  1 
ATOM   200 C C   . LEU A 1 46  ? -1.587  -4.139  3.958   1.00 40.46  ? 41  LEU A C   1 
ATOM   201 O O   . LEU A 1 46  ? -0.677  -3.451  4.431   1.00 49.44  ? 41  LEU A O   1 
ATOM   202 C CB  . LEU A 1 46  ? -1.441  -3.369  1.598   1.00 48.29  ? 41  LEU A CB  1 
ATOM   203 C CG  . LEU A 1 46  ? -0.502  -4.547  1.292   1.00 56.42  ? 41  LEU A CG  1 
ATOM   204 C CD1 . LEU A 1 46  ? -1.259  -5.755  0.708   1.00 47.59  ? 41  LEU A CD1 1 
ATOM   205 C CD2 . LEU A 1 46  ? 0.617   -4.111  0.377   1.00 54.92  ? 41  LEU A CD2 1 
ATOM   206 N N   . GLY A 1 47  ? -1.922  -5.335  4.436   1.00 53.08  ? 42  GLY A N   1 
ATOM   207 C CA  . GLY A 1 47  ? -1.112  -5.977  5.460   1.00 50.90  ? 42  GLY A CA  1 
ATOM   208 C C   . GLY A 1 47  ? 0.161   -6.525  4.846   1.00 51.73  ? 42  GLY A C   1 
ATOM   209 O O   . GLY A 1 47  ? 0.116   -7.265  3.858   1.00 52.72  ? 42  GLY A O   1 
ATOM   210 N N   . LEU A 1 48  ? 1.304   -6.151  5.426   1.00 49.40  ? 43  LEU A N   1 
ATOM   211 C CA  . LEU A 1 48  ? 2.616   -6.576  4.943   1.00 61.37  ? 43  LEU A CA  1 
ATOM   212 C C   . LEU A 1 48  ? 2.999   -7.862  5.671   1.00 73.06  ? 43  LEU A C   1 
ATOM   213 O O   . LEU A 1 48  ? 3.455   -7.833  6.819   1.00 69.15  ? 43  LEU A O   1 
ATOM   214 C CB  . LEU A 1 48  ? 3.658   -5.479  5.147   1.00 49.74  ? 43  LEU A CB  1 
ATOM   215 C CG  . LEU A 1 48  ? 3.212   -4.070  4.728   1.00 58.11  ? 43  LEU A CG  1 
ATOM   216 C CD1 . LEU A 1 48  ? 4.285   -3.055  5.063   1.00 41.20  ? 43  LEU A CD1 1 
ATOM   217 C CD2 . LEU A 1 48  ? 2.899   -4.036  3.254   1.00 47.55  ? 43  LEU A CD2 1 
ATOM   218 N N   . ARG A 1 49  ? 2.802   -8.991  4.996   1.00 59.92  ? 44  ARG A N   1 
ATOM   219 C CA  . ARG A 1 49  ? 3.129   -10.302 5.541   1.00 64.69  ? 44  ARG A CA  1 
ATOM   220 C C   . ARG A 1 49  ? 4.640   -10.525 5.530   1.00 70.22  ? 44  ARG A C   1 
ATOM   221 O O   . ARG A 1 49  ? 5.308   -10.266 4.521   1.00 58.08  ? 44  ARG A O   1 
ATOM   222 C CB  . ARG A 1 49  ? 2.420   -11.385 4.729   1.00 59.97  ? 44  ARG A CB  1 
ATOM   223 C CG  . ARG A 1 49  ? 0.929   -11.139 4.549   1.00 61.64  ? 44  ARG A CG  1 
ATOM   224 C CD  . ARG A 1 49  ? 0.335   -12.019 3.465   0.68 67.52  ? 44  ARG A CD  1 
ATOM   225 N NE  . ARG A 1 49  ? 0.639   -13.431 3.680   0.68 66.63  ? 44  ARG A NE  1 
ATOM   226 C CZ  . ARG A 1 49  ? -0.134  -14.268 4.365   0.68 76.44  ? 44  ARG A CZ  1 
ATOM   227 N NH1 . ARG A 1 49  ? -1.266  -13.838 4.905   0.68 74.13  ? 44  ARG A NH1 1 
ATOM   228 N NH2 . ARG A 1 49  ? 0.227   -15.536 4.507   0.68 86.42  ? 44  ARG A NH2 1 
ATOM   229 N N   . ALA A 1 50  ? 5.179   -11.007 6.660   1.00 67.10  ? 45  ALA A N   1 
ATOM   230 C CA  . ALA A 1 50  ? 6.620   -11.227 6.774   1.00 77.31  ? 45  ALA A CA  1 
ATOM   231 C C   . ALA A 1 50  ? 7.130   -12.269 5.788   1.00 68.15  ? 45  ALA A C   1 
ATOM   232 O O   . ALA A 1 50  ? 8.328   -12.280 5.479   1.00 66.84  ? 45  ALA A O   1 
ATOM   233 C CB  . ALA A 1 50  ? 6.985   -11.643 8.202   1.00 58.46  ? 45  ALA A CB  1 
ATOM   234 N N   . ASP A 1 51  ? 6.249   -13.131 5.281   1.00 69.13  ? 46  ASP A N   1 
ATOM   235 C CA  . ASP A 1 51  ? 6.621   -14.161 4.318   1.00 82.37  ? 46  ASP A CA  1 
ATOM   236 C C   . ASP A 1 51  ? 6.651   -13.654 2.881   1.00 82.46  ? 46  ASP A C   1 
ATOM   237 O O   . ASP A 1 51  ? 6.939   -14.444 1.975   1.00 86.62  ? 46  ASP A O   1 
ATOM   238 C CB  . ASP A 1 51  ? 5.654   -15.348 4.419   1.00 77.79  ? 46  ASP A CB  1 
ATOM   239 C CG  . ASP A 1 51  ? 4.195   -14.914 4.479   1.00 84.80  ? 46  ASP A CG  1 
ATOM   240 O OD1 . ASP A 1 51  ? 3.549   -14.843 3.412   1.00 86.36  ? 46  ASP A OD1 1 
ATOM   241 O OD2 . ASP A 1 51  ? 3.688   -14.645 5.593   1.00 93.65  ? 46  ASP A OD2 1 
ATOM   242 N N   . ASP A 1 52  ? 6.365   -12.371 2.649   1.00 77.94  ? 47  ASP A N   1 
ATOM   243 C CA  . ASP A 1 52  ? 6.249   -11.803 1.307   1.00 63.01  ? 47  ASP A CA  1 
ATOM   244 C C   . ASP A 1 52  ? 7.404   -10.838 1.071   1.00 65.36  ? 47  ASP A C   1 
ATOM   245 O O   . ASP A 1 52  ? 7.451   -9.754  1.667   1.00 58.74  ? 47  ASP A O   1 
ATOM   246 C CB  . ASP A 1 52  ? 4.905   -11.099 1.129   1.00 63.28  ? 47  ASP A CB  1 
ATOM   247 C CG  . ASP A 1 52  ? 4.626   -10.734 -0.313  1.00 55.23  ? 47  ASP A CG  1 
ATOM   248 O OD1 . ASP A 1 52  ? 5.543   -10.245 -1.008  1.00 56.72  ? 47  ASP A OD1 1 
ATOM   249 O OD2 . ASP A 1 52  ? 3.475   -10.926 -0.751  1.00 71.09  ? 47  ASP A OD2 1 
ATOM   250 N N   . ALA A 1 53  ? 8.312   -11.226 0.171   1.00 49.44  ? 48  ALA A N   1 
ATOM   251 C CA  . ALA A 1 53  ? 9.498   -10.424 -0.109  1.00 48.77  ? 48  ALA A CA  1 
ATOM   252 C C   . ALA A 1 53  ? 9.156   -9.054  -0.679  1.00 42.80  ? 48  ALA A C   1 
ATOM   253 O O   . ALA A 1 53  ? 9.931   -8.108  -0.513  1.00 47.79  ? 48  ALA A O   1 
ATOM   254 C CB  . ALA A 1 53  ? 10.407  -11.165 -1.083  1.00 51.35  ? 48  ALA A CB  1 
ATOM   255 N N   . LEU A 1 54  ? 8.039   -8.935  -1.401  1.00 58.74  ? 49  LEU A N   1 
ATOM   256 C CA  . LEU A 1 54  ? 7.584   -7.610  -1.818  1.00 58.07  ? 49  LEU A CA  1 
ATOM   257 C C   . LEU A 1 54  ? 7.234   -6.761  -0.603  1.00 50.34  ? 49  LEU A C   1 
ATOM   258 O O   . LEU A 1 54  ? 7.711   -5.628  -0.460  1.00 52.32  ? 49  LEU A O   1 
ATOM   259 C CB  . LEU A 1 54  ? 6.375   -7.728  -2.744  1.00 50.55  ? 49  LEU A CB  1 
ATOM   260 C CG  . LEU A 1 54  ? 6.651   -8.077  -4.204  1.00 62.67  ? 49  LEU A CG  1 
ATOM   261 C CD1 . LEU A 1 54  ? 5.541   -7.502  -5.055  1.00 71.86  ? 49  LEU A CD1 1 
ATOM   262 C CD2 . LEU A 1 54  ? 7.995   -7.541  -4.647  1.00 60.19  ? 49  LEU A CD2 1 
ATOM   263 N N   . HIS A 1 55  ? 6.406   -7.309  0.290   1.00 46.78  ? 50  HIS A N   1 
ATOM   264 C CA  . HIS A 1 55  ? 5.973   -6.565  1.468   1.00 51.46  ? 50  HIS A CA  1 
ATOM   265 C C   . HIS A 1 55  ? 7.160   -6.115  2.299   1.00 62.17  ? 50  HIS A C   1 
ATOM   266 O O   . HIS A 1 55  ? 7.221   -4.955  2.729   1.00 48.37  ? 50  HIS A O   1 
ATOM   267 C CB  . HIS A 1 55  ? 5.024   -7.419  2.299   1.00 48.35  ? 50  HIS A CB  1 
ATOM   268 C CG  . HIS A 1 55  ? 3.755   -7.763  1.590   1.00 44.03  ? 50  HIS A CG  1 
ATOM   269 N ND1 . HIS A 1 55  ? 2.748   -8.499  2.176   1.00 55.09  ? 50  HIS A ND1 1 
ATOM   270 C CD2 . HIS A 1 55  ? 3.325   -7.470  0.340   1.00 51.49  ? 50  HIS A CD2 1 
ATOM   271 C CE1 . HIS A 1 55  ? 1.750   -8.640  1.323   1.00 50.87  ? 50  HIS A CE1 1 
ATOM   272 N NE2 . HIS A 1 55  ? 2.074   -8.024  0.201   1.00 55.12  ? 50  HIS A NE2 1 
ATOM   273 N N   . MET A 1 56  ? 8.139   -7.004  2.490   1.00 47.79  ? 51  MET A N   1 
ATOM   274 C CA  . MET A 1 56  ? 9.278   -6.669  3.332   1.00 40.37  ? 51  MET A CA  1 
ATOM   275 C C   . MET A 1 56  ? 10.194  -5.671  2.648   1.00 48.71  ? 51  MET A C   1 
ATOM   276 O O   . MET A 1 56  ? 10.797  -4.819  3.308   1.00 52.79  ? 51  MET A O   1 
ATOM   277 C CB  . MET A 1 56  ? 10.055  -7.938  3.698   1.00 62.13  ? 51  MET A CB  1 
ATOM   278 C CG  . MET A 1 56  ? 9.192   -9.038  4.293   1.00 56.64  ? 51  MET A CG  1 
ATOM   279 S SD  . MET A 1 56  ? 8.133   -8.402  5.599   1.00 83.19  ? 51  MET A SD  1 
ATOM   280 C CE  . MET A 1 56  ? 9.367   -7.931  6.789   1.00 50.93  ? 51  MET A CE  1 
ATOM   281 N N   . GLN A 1 57  ? 10.343  -5.779  1.330   1.00 43.93  ? 52  GLN A N   1 
ATOM   282 C CA  . GLN A 1 57  ? 11.025  -4.719  0.594   1.00 46.97  ? 52  GLN A CA  1 
ATOM   283 C C   . GLN A 1 57  ? 10.319  -3.373  0.781   1.00 50.42  ? 52  GLN A C   1 
ATOM   284 O O   . GLN A 1 57  ? 10.969  -2.321  0.853   1.00 48.74  ? 52  GLN A O   1 
ATOM   285 C CB  . GLN A 1 57  ? 11.092  -5.087  -0.886  1.00 57.84  ? 52  GLN A CB  1 
ATOM   286 C CG  . GLN A 1 57  ? 11.845  -4.091  -1.741  1.00 54.23  ? 52  GLN A CG  1 
ATOM   287 C CD  . GLN A 1 57  ? 11.713  -4.384  -3.216  1.00 55.22  ? 52  GLN A CD  1 
ATOM   288 O OE1 . GLN A 1 57  ? 10.908  -5.232  -3.625  1.00 62.28  ? 52  GLN A OE1 1 
ATOM   289 N NE2 . GLN A 1 57  ? 12.499  -3.685  -4.029  1.00 48.19  ? 52  GLN A NE2 1 
ATOM   290 N N   . LEU A 1 58  ? 8.985   -3.389  0.846   1.00 40.40  ? 53  LEU A N   1 
ATOM   291 C CA  . LEU A 1 58  ? 8.229   -2.155  1.062   1.00 53.14  ? 53  LEU A CA  1 
ATOM   292 C C   . LEU A 1 58  ? 8.430   -1.653  2.479   1.00 51.76  ? 53  LEU A C   1 
ATOM   293 O O   . LEU A 1 58  ? 8.747   -0.476  2.692   1.00 56.82  ? 53  LEU A O   1 
ATOM   294 C CB  . LEU A 1 58  ? 6.742   -2.388  0.802   1.00 43.74  ? 53  LEU A CB  1 
ATOM   295 C CG  . LEU A 1 58  ? 6.179   -2.083  -0.582  1.00 49.90  ? 53  LEU A CG  1 
ATOM   296 C CD1 . LEU A 1 58  ? 4.746   -2.564  -0.656  1.00 37.02  ? 53  LEU A CD1 1 
ATOM   297 C CD2 . LEU A 1 58  ? 6.261   -0.607  -0.876  1.00 41.95  ? 53  LEU A CD2 1 
ATOM   298 N N   . GLN A 1 59  ? 8.255   -2.547  3.459   1.00 44.36  ? 54  GLN A N   1 
ATOM   299 C CA  . GLN A 1 59  ? 8.505   -2.219  4.859   1.00 52.52  ? 54  GLN A CA  1 
ATOM   300 C C   . GLN A 1 59  ? 9.896   -1.623  5.062   1.00 59.92  ? 54  GLN A C   1 
ATOM   301 O O   . GLN A 1 59  ? 10.045  -0.566  5.681   1.00 59.15  ? 54  GLN A O   1 
ATOM   302 C CB  . GLN A 1 59  ? 8.314   -3.472  5.708   1.00 56.06  ? 54  GLN A CB  1 
ATOM   303 C CG  . GLN A 1 59  ? 8.129   -3.227  7.186   1.00 56.85  ? 54  GLN A CG  1 
ATOM   304 C CD  . GLN A 1 59  ? 7.773   -4.501  7.939   1.00 67.92  ? 54  GLN A CD  1 
ATOM   305 O OE1 . GLN A 1 59  ? 6.596   -4.863  8.072   1.00 63.32  ? 54  GLN A OE1 1 
ATOM   306 N NE2 . GLN A 1 59  ? 8.797   -5.195  8.425   1.00 68.34  ? 54  GLN A NE2 1 
ATOM   307 N N   . GLU A 1 60  ? 10.930  -2.276  4.532   1.00 48.59  ? 55  GLU A N   1 
ATOM   308 C CA  . GLU A 1 60  ? 12.281  -1.744  4.699   1.00 63.65  ? 55  GLU A CA  1 
ATOM   309 C C   . GLU A 1 60  ? 12.396  -0.358  4.088   1.00 58.05  ? 55  GLU A C   1 
ATOM   310 O O   . GLU A 1 60  ? 13.028  0.539   4.659   1.00 49.57  ? 55  GLU A O   1 
ATOM   311 C CB  . GLU A 1 60  ? 13.308  -2.673  4.045   1.00 48.64  ? 55  GLU A CB  1 
ATOM   312 C CG  . GLU A 1 60  ? 13.986  -3.639  4.987   1.00 78.60  ? 55  GLU A CG  1 
ATOM   313 C CD  . GLU A 1 60  ? 15.006  -4.500  4.263   1.00 94.34  ? 55  GLU A CD  1 
ATOM   314 O OE1 . GLU A 1 60  ? 14.716  -5.697  4.031   1.00 94.40  ? 55  GLU A OE1 1 
ATOM   315 O OE2 . GLU A 1 60  ? 16.086  -3.968  3.912   1.00 87.32  ? 55  GLU A OE2 1 
ATOM   316 N N   . PHE A 1 61  ? 11.828  -0.187  2.901   1.00 38.05  ? 56  PHE A N   1 
ATOM   317 C CA  . PHE A 1 61  ? 11.927  1.078   2.197   1.00 51.25  ? 56  PHE A CA  1 
ATOM   318 C C   . PHE A 1 61  ? 11.327  2.214   3.011   1.00 47.84  ? 56  PHE A C   1 
ATOM   319 O O   . PHE A 1 61  ? 11.838  3.338   2.981   1.00 51.82  ? 56  PHE A O   1 
ATOM   320 C CB  . PHE A 1 61  ? 11.224  0.943   0.857   1.00 51.23  ? 56  PHE A CB  1 
ATOM   321 C CG  . PHE A 1 61  ? 11.298  2.155   0.019   1.00 54.95  ? 56  PHE A CG  1 
ATOM   322 C CD1 . PHE A 1 61  ? 12.495  2.539   -0.547  1.00 41.04  ? 56  PHE A CD1 1 
ATOM   323 C CD2 . PHE A 1 61  ? 10.161  2.916   -0.208  1.00 42.39  ? 56  PHE A CD2 1 
ATOM   324 C CE1 . PHE A 1 61  ? 12.568  3.659   -1.341  1.00 55.97  ? 56  PHE A CE1 1 
ATOM   325 C CE2 . PHE A 1 61  ? 10.222  4.048   -0.996  1.00 48.48  ? 56  PHE A CE2 1 
ATOM   326 C CZ  . PHE A 1 61  ? 11.426  4.419   -1.566  1.00 59.43  ? 56  PHE A CZ  1 
ATOM   327 N N   . LEU A 1 62  ? 10.279  1.926   3.777   1.00 43.68  ? 57  LEU A N   1 
ATOM   328 C CA  . LEU A 1 62  ? 9.542   2.939   4.519   1.00 55.88  ? 57  LEU A CA  1 
ATOM   329 C C   . LEU A 1 62  ? 9.956   3.036   5.981   1.00 66.38  ? 57  LEU A C   1 
ATOM   330 O O   . LEU A 1 62  ? 9.268   3.702   6.759   1.00 65.65  ? 57  LEU A O   1 
ATOM   331 C CB  . LEU A 1 62  ? 8.044   2.660   4.431   1.00 44.20  ? 57  LEU A CB  1 
ATOM   332 C CG  . LEU A 1 62  ? 7.473   2.768   3.025   1.00 42.32  ? 57  LEU A CG  1 
ATOM   333 C CD1 . LEU A 1 62  ? 5.966   2.880   3.103   1.00 51.78  ? 57  LEU A CD1 1 
ATOM   334 C CD2 . LEU A 1 62  ? 8.081   3.982   2.338   1.00 46.97  ? 57  LEU A CD2 1 
ATOM   335 N N   . THR A 1 63  ? 11.054  2.385   6.376   1.00 61.92  ? 58  THR A N   1 
ATOM   336 C CA  . THR A 1 63  ? 11.489  2.381   7.776   1.00 62.51  ? 58  THR A CA  1 
ATOM   337 C C   . THR A 1 63  ? 12.974  2.642   7.966   1.00 65.77  ? 58  THR A C   1 
ATOM   338 O O   . THR A 1 63  ? 13.356  3.142   9.030   1.00 62.55  ? 58  THR A O   1 
ATOM   339 C CB  . THR A 1 63  ? 11.169  1.039   8.441   1.00 60.83  ? 58  THR A CB  1 
ATOM   340 O OG1 . THR A 1 63  ? 11.756  -0.008  7.666   1.00 67.78  ? 58  THR A OG1 1 
ATOM   341 C CG2 . THR A 1 63  ? 9.684   0.808   8.529   1.00 47.89  ? 58  THR A CG2 1 
ATOM   342 N N   . VAL A 1 64  ? 13.821  2.331   6.987   1.00 61.16  ? 59  VAL A N   1 
ATOM   343 C CA  . VAL A 1 64  ? 15.258  2.226   7.182   1.00 56.70  ? 59  VAL A CA  1 
ATOM   344 C C   . VAL A 1 64  ? 15.953  2.810   5.958   1.00 58.02  ? 59  VAL A C   1 
ATOM   345 O O   . VAL A 1 64  ? 15.427  2.750   4.844   1.00 70.02  ? 59  VAL A O   1 
ATOM   346 C CB  . VAL A 1 64  ? 15.614  0.744   7.455   1.00 66.44  ? 59  VAL A CB  1 
ATOM   347 C CG1 . VAL A 1 64  ? 17.020  0.392   7.015   1.00 80.20  ? 59  VAL A CG1 1 
ATOM   348 C CG2 . VAL A 1 64  ? 15.378  0.412   8.931   1.00 62.85  ? 59  VAL A CG2 1 
ATOM   349 N N   . ASP A 1 65  ? 17.132  3.406   6.167   1.00 61.37  ? 60  ASP A N   1 
ATOM   350 C CA  . ASP A 1 65  ? 17.770  4.246   5.156   1.00 64.72  ? 60  ASP A CA  1 
ATOM   351 C C   . ASP A 1 65  ? 18.940  3.569   4.440   1.00 77.82  ? 60  ASP A C   1 
ATOM   352 O O   . ASP A 1 65  ? 19.857  4.265   3.991   1.00 80.38  ? 60  ASP A O   1 
ATOM   353 C CB  . ASP A 1 65  ? 18.233  5.562   5.786   1.00 79.38  ? 60  ASP A CB  1 
ATOM   354 C CG  . ASP A 1 65  ? 19.411  5.387   6.747   1.00 86.06  ? 60  ASP A CG  1 
ATOM   355 O OD1 . ASP A 1 65  ? 19.641  4.255   7.222   1.00 77.19  ? 60  ASP A OD1 1 
ATOM   356 O OD2 . ASP A 1 65  ? 20.097  6.395   7.039   1.00 85.36  ? 60  ASP A OD2 1 
ATOM   357 N N   . ASP A 1 66  ? 18.896  2.240   4.281   1.00 70.89  ? 61  ASP A N   1 
ATOM   358 C CA  . ASP A 1 66  ? 20.014  1.431   3.765   1.00 86.30  ? 61  ASP A CA  1 
ATOM   359 C C   . ASP A 1 66  ? 21.332  1.844   4.424   1.00 85.02  ? 61  ASP A C   1 
ATOM   360 O O   . ASP A 1 66  ? 22.332  2.152   3.771   1.00 73.05  ? 61  ASP A O   1 
ATOM   361 C CB  . ASP A 1 66  ? 20.101  1.446   2.224   0.71 72.79  ? 61  ASP A CB  1 
ATOM   362 C CG  . ASP A 1 66  ? 20.222  2.842   1.623   0.71 79.48  ? 61  ASP A CG  1 
ATOM   363 O OD1 . ASP A 1 66  ? 21.351  3.368   1.522   0.71 66.54  ? 61  ASP A OD1 1 
ATOM   364 O OD2 . ASP A 1 66  ? 19.180  3.411   1.232   0.71 89.18  ? 61  ASP A OD2 1 
ATOM   365 N N   . LYS A 1 67  ? 21.282  1.894   5.765   1.00 80.30  ? 62  LYS A N   1 
ATOM   366 C CA  . LYS A 1 67  ? 22.445  1.927   6.646   1.00 76.58  ? 62  LYS A CA  1 
ATOM   367 C C   . LYS A 1 67  ? 22.046  1.341   7.994   1.00 72.78  ? 62  LYS A C   1 
ATOM   368 O O   . LYS A 1 67  ? 22.794  1.480   8.969   1.00 86.34  ? 62  LYS A O   1 
ATOM   369 C CB  . LYS A 1 67  ? 23.001  3.344   6.853   1.00 76.55  ? 62  LYS A CB  1 
ATOM   370 C CG  . LYS A 1 67  ? 24.095  3.748   5.888   1.00 80.60  ? 62  LYS A CG  1 
ATOM   371 C CD  . LYS A 1 67  ? 24.706  5.097   6.265   1.00 90.56  ? 62  LYS A CD  1 
ATOM   372 C CE  . LYS A 1 67  ? 26.058  4.939   6.958   1.00 103.55 ? 62  LYS A CE  1 
ATOM   373 N NZ  . LYS A 1 67  ? 27.007  6.047   6.621   1.00 92.27  ? 62  LYS A NZ  1 
ATOM   374 N N   . GLY A 1 68  ? 20.882  0.703   8.067   1.00 73.89  ? 63  GLY A N   1 
ATOM   375 C CA  . GLY A 1 68  ? 20.303  0.260   9.318   1.00 79.45  ? 63  GLY A CA  1 
ATOM   376 C C   . GLY A 1 68  ? 19.458  1.349   9.951   1.00 78.68  ? 63  GLY A C   1 
ATOM   377 O O   . GLY A 1 68  ? 18.436  1.062   10.585  1.00 76.34  ? 63  GLY A O   1 
ATOM   378 N N   . LYS A 1 69  ? 19.869  2.607   9.756   1.00 78.14  ? 64  LYS A N   1 
ATOM   379 C CA  . LYS A 1 69  ? 19.332  3.750   10.498  1.00 78.31  ? 64  LYS A CA  1 
ATOM   380 C C   . LYS A 1 69  ? 17.856  3.965   10.178  1.00 71.72  ? 64  LYS A C   1 
ATOM   381 O O   . LYS A 1 69  ? 17.504  4.107   8.998   1.00 60.08  ? 64  LYS A O   1 
ATOM   382 C CB  . LYS A 1 69  ? 20.115  5.027   10.159  1.00 76.09  ? 64  LYS A CB  1 
ATOM   383 C CG  . LYS A 1 69  ? 21.553  5.099   10.676  1.00 93.03  ? 64  LYS A CG  1 
ATOM   384 C CD  . LYS A 1 69  ? 22.491  5.769   9.658   1.00 90.75  ? 64  LYS A CD  1 
ATOM   385 C CE  . LYS A 1 69  ? 23.846  6.118   10.279  1.00 88.19  ? 64  LYS A CE  1 
ATOM   386 N NZ  . LYS A 1 69  ? 24.753  4.933   10.325  1.00 82.78  ? 64  LYS A NZ  1 
ATOM   387 N N   . PRO A 1 70  ? 16.967  3.993   11.177  1.00 80.06  ? 65  PRO A N   1 
ATOM   388 C CA  . PRO A 1 70  ? 15.574  4.382   10.914  1.00 71.43  ? 65  PRO A CA  1 
ATOM   389 C C   . PRO A 1 70  ? 15.499  5.748   10.237  1.00 68.14  ? 65  PRO A C   1 
ATOM   390 O O   . PRO A 1 70  ? 16.291  6.652   10.515  1.00 58.15  ? 65  PRO A O   1 
ATOM   391 C CB  . PRO A 1 70  ? 14.941  4.398   12.308  1.00 65.00  ? 65  PRO A CB  1 
ATOM   392 C CG  . PRO A 1 70  ? 15.771  3.427   13.105  1.00 58.08  ? 65  PRO A CG  1 
ATOM   393 C CD  . PRO A 1 70  ? 17.170  3.549   12.567  1.00 75.79  ? 65  PRO A CD  1 
ATOM   394 N N   . LEU A 1 71  ? 14.568  5.873   9.298   1.00 61.63  ? 66  LEU A N   1 
ATOM   395 C CA  . LEU A 1 71  ? 14.423  7.115   8.554   1.00 64.95  ? 66  LEU A CA  1 
ATOM   396 C C   . LEU A 1 71  ? 13.989  8.249   9.474   1.00 50.93  ? 66  LEU A C   1 
ATOM   397 O O   . LEU A 1 71  ? 13.278  8.041   10.462  1.00 51.27  ? 66  LEU A O   1 
ATOM   398 C CB  . LEU A 1 71  ? 13.387  6.954   7.435   1.00 53.03  ? 66  LEU A CB  1 
ATOM   399 C CG  . LEU A 1 71  ? 13.662  5.872   6.394   1.00 54.83  ? 66  LEU A CG  1 
ATOM   400 C CD1 . LEU A 1 71  ? 12.403  5.570   5.601   1.00 52.85  ? 66  LEU A CD1 1 
ATOM   401 C CD2 . LEU A 1 71  ? 14.787  6.342   5.488   1.00 49.12  ? 66  LEU A CD2 1 
ATOM   402 N N   . SER A 1 72  ? 14.444  9.455   9.144   1.00 53.19  ? 67  SER A N   1 
ATOM   403 C CA  . SER A 1 72  ? 13.821  10.663  9.662   1.00 49.11  ? 67  SER A CA  1 
ATOM   404 C C   . SER A 1 72  ? 12.427  10.806  9.061   1.00 51.28  ? 67  SER A C   1 
ATOM   405 O O   . SER A 1 72  ? 12.163  10.338  7.950   1.00 52.16  ? 67  SER A O   1 
ATOM   406 C CB  . SER A 1 72  ? 14.670  11.891  9.325   1.00 58.31  ? 67  SER A CB  1 
ATOM   407 O OG  . SER A 1 72  ? 14.599  12.205  7.941   1.00 62.46  ? 67  SER A OG  1 
ATOM   408 N N   . GLU A 1 73  ? 11.522  11.444  9.813   1.00 41.61  ? 68  GLU A N   1 
ATOM   409 C CA  . GLU A 1 73  ? 10.174  11.675  9.297   1.00 43.61  ? 68  GLU A CA  1 
ATOM   410 C C   . GLU A 1 73  ? 10.215  12.330  7.920   1.00 47.85  ? 68  GLU A C   1 
ATOM   411 O O   . GLU A 1 73  ? 9.430   11.981  7.034   1.00 49.67  ? 68  GLU A O   1 
ATOM   412 C CB  . GLU A 1 73  ? 9.368   12.526  10.275  1.00 52.77  ? 68  GLU A CB  1 
ATOM   413 C CG  . GLU A 1 73  ? 7.877   12.496  9.997   1.00 57.07  ? 68  GLU A CG  1 
ATOM   414 C CD  . GLU A 1 73  ? 7.251   11.159  10.367  1.00 61.11  ? 68  GLU A CD  1 
ATOM   415 O OE1 . GLU A 1 73  ? 6.103   10.910  9.952   1.00 66.37  ? 68  GLU A OE1 1 
ATOM   416 O OE2 . GLU A 1 73  ? 7.912   10.358  11.064  1.00 71.68  ? 68  GLU A OE2 1 
ATOM   417 N N   . THR A 1 74  ? 11.161  13.249  7.713   1.00 49.38  ? 69  THR A N   1 
ATOM   418 C CA  . THR A 1 74  ? 11.336  13.865  6.405   1.00 51.29  ? 69  THR A CA  1 
ATOM   419 C C   . THR A 1 74  ? 11.629  12.819  5.334   1.00 48.90  ? 69  THR A C   1 
ATOM   420 O O   . THR A 1 74  ? 10.948  12.760  4.304   1.00 46.40  ? 69  THR A O   1 
ATOM   421 C CB  . THR A 1 74  ? 12.457  14.896  6.474   1.00 56.72  ? 69  THR A CB  1 
ATOM   422 O OG1 . THR A 1 74  ? 12.014  16.015  7.252   1.00 56.66  ? 69  THR A OG1 1 
ATOM   423 C CG2 . THR A 1 74  ? 12.829  15.357  5.084   1.00 56.37  ? 69  THR A CG2 1 
ATOM   424 N N   . ALA A 1 75  ? 12.627  11.968  5.572   1.00 42.56  ? 70  ALA A N   1 
ATOM   425 C CA  . ALA A 1 75  ? 12.968  10.944  4.587   1.00 44.27  ? 70  ALA A CA  1 
ATOM   426 C C   . ALA A 1 75  ? 11.813  9.976   4.382   1.00 37.44  ? 70  ALA A C   1 
ATOM   427 O O   . ALA A 1 75  ? 11.518  9.575   3.253   1.00 42.72  ? 70  ALA A O   1 
ATOM   428 C CB  . ALA A 1 75  ? 14.228  10.194  5.016   1.00 39.28  ? 70  ALA A CB  1 
ATOM   429 N N   . TYR A 1 76  ? 11.144  9.598   5.465   1.00 36.86  ? 71  TYR A N   1 
ATOM   430 C CA  . TYR A 1 76  ? 9.949   8.775   5.354   1.00 43.57  ? 71  TYR A CA  1 
ATOM   431 C C   . TYR A 1 76  ? 8.906   9.448   4.459   1.00 46.78  ? 71  TYR A C   1 
ATOM   432 O O   . TYR A 1 76  ? 8.455   8.866   3.463   1.00 46.56  ? 71  TYR A O   1 
ATOM   433 C CB  . TYR A 1 76  ? 9.414   8.493   6.757   1.00 40.70  ? 71  TYR A CB  1 
ATOM   434 C CG  . TYR A 1 76  ? 8.005   7.953   6.807   1.00 55.15  ? 71  TYR A CG  1 
ATOM   435 C CD1 . TYR A 1 76  ? 7.754   6.604   6.638   1.00 44.16  ? 71  TYR A CD1 1 
ATOM   436 C CD2 . TYR A 1 76  ? 6.928   8.794   7.042   1.00 62.25  ? 71  TYR A CD2 1 
ATOM   437 C CE1 . TYR A 1 76  ? 6.483   6.108   6.686   1.00 50.71  ? 71  TYR A CE1 1 
ATOM   438 C CE2 . TYR A 1 76  ? 5.640   8.306   7.094   1.00 54.90  ? 71  TYR A CE2 1 
ATOM   439 C CZ  . TYR A 1 76  ? 5.423   6.965   6.911   1.00 55.99  ? 71  TYR A CZ  1 
ATOM   440 O OH  . TYR A 1 76  ? 4.140   6.471   6.963   1.00 55.06  ? 71  TYR A OH  1 
ATOM   441 N N   . ALA A 1 77  ? 8.553   10.701  4.761   1.00 49.10  ? 72  ALA A N   1 
ATOM   442 C CA  . ALA A 1 77  ? 7.519   11.369  3.967   1.00 45.43  ? 72  ALA A CA  1 
ATOM   443 C C   . ALA A 1 77  ? 7.942   11.497  2.507   1.00 43.62  ? 72  ALA A C   1 
ATOM   444 O O   . ALA A 1 77  ? 7.122   11.332  1.595   1.00 48.75  ? 72  ALA A O   1 
ATOM   445 C CB  . ALA A 1 77  ? 7.193   12.738  4.568   1.00 48.56  ? 72  ALA A CB  1 
ATOM   446 N N   . GLU A 1 78  ? 9.228   11.764  2.267   1.00 47.39  ? 73  GLU A N   1 
ATOM   447 C CA  . GLU A 1 78  ? 9.734   11.815  0.902   1.00 48.40  ? 73  GLU A CA  1 
ATOM   448 C C   . GLU A 1 78  ? 9.525   10.480  0.192   1.00 56.03  ? 73  GLU A C   1 
ATOM   449 O O   . GLU A 1 78  ? 9.043   10.438  -0.946  1.00 54.59  ? 73  GLU A O   1 
ATOM   450 C CB  . GLU A 1 78  ? 11.218  12.192  0.914   1.00 51.44  ? 73  GLU A CB  1 
ATOM   451 C CG  . GLU A 1 78  ? 11.483  13.651  1.216   1.00 70.68  ? 73  GLU A CG  1 
ATOM   452 C CD  . GLU A 1 78  ? 10.959  14.565  0.126   1.00 89.83  ? 73  GLU A CD  1 
ATOM   453 O OE1 . GLU A 1 78  ? 11.475  14.495  -1.014  1.00 98.09  ? 73  GLU A OE1 1 
ATOM   454 O OE2 . GLU A 1 78  ? 10.021  15.343  0.405   1.00 82.32  ? 73  GLU A OE2 1 
ATOM   455 N N   . ARG A 1 79  ? 9.875   9.375   0.858   1.00 39.16  ? 74  ARG A N   1 
ATOM   456 C CA  . ARG A 1 79  ? 9.763   8.064   0.224   1.00 48.28  ? 74  ARG A CA  1 
ATOM   457 C C   . ARG A 1 79  ? 8.308   7.684   -0.008  1.00 44.95  ? 74  ARG A C   1 
ATOM   458 O O   . ARG A 1 79  ? 7.973   7.109   -1.050  1.00 45.29  ? 74  ARG A O   1 
ATOM   459 C CB  . ARG A 1 79  ? 10.463  7.000   1.074   1.00 43.61  ? 74  ARG A CB  1 
ATOM   460 C CG  . ARG A 1 79  ? 11.989  7.112   1.075   1.00 52.08  ? 74  ARG A CG  1 
ATOM   461 C CD  . ARG A 1 79  ? 12.672  5.811   1.563   1.00 37.70  ? 74  ARG A CD  1 
ATOM   462 N NE  . ARG A 1 79  ? 14.115  5.837   1.312   1.00 60.36  ? 74  ARG A NE  1 
ATOM   463 C CZ  . ARG A 1 79  ? 14.986  4.962   1.814   1.00 49.97  ? 74  ARG A CZ  1 
ATOM   464 N NH1 . ARG A 1 79  ? 14.575  3.977   2.618   1.00 46.95  ? 74  ARG A NH1 1 
ATOM   465 N NH2 . ARG A 1 79  ? 16.274  5.092   1.524   1.00 68.71  ? 74  ARG A NH2 1 
ATOM   466 N N   . CYS A 1 80  ? 7.434   7.962   0.961   1.00 43.72  ? 75  CYS A N   1 
ATOM   467 C CA  . CYS A 1 80  ? 6.002   7.773   0.725   1.00 46.45  ? 75  CYS A CA  1 
ATOM   468 C C   . CYS A 1 80  ? 5.584   8.482   -0.553  1.00 40.35  ? 75  CYS A C   1 
ATOM   469 O O   . CYS A 1 80  ? 4.933   7.900   -1.430  1.00 33.76  ? 75  CYS A O   1 
ATOM   470 C CB  . CYS A 1 80  ? 5.197   8.295   1.910   1.00 39.06  ? 75  CYS A CB  1 
ATOM   471 S SG  . CYS A 1 80  ? 5.229   7.224   3.370   1.00 43.82  ? 75  CYS A SG  1 
ATOM   472 N N   . LYS A 1 81  ? 6.013   9.730   -0.708  1.00 42.56  ? 76  LYS A N   1 
ATOM   473 C CA  . LYS A 1 81  ? 5.646   10.469  -1.905  1.00 49.34  ? 76  LYS A CA  1 
ATOM   474 C C   . LYS A 1 81  ? 6.196   9.781   -3.147  1.00 54.38  ? 76  LYS A C   1 
ATOM   475 O O   . LYS A 1 81  ? 5.472   9.592   -4.131  1.00 49.43  ? 76  LYS A O   1 
ATOM   476 C CB  . LYS A 1 81  ? 6.141   11.911  -1.791  1.00 50.56  ? 76  LYS A CB  1 
ATOM   477 C CG  . LYS A 1 81  ? 5.085   12.849  -1.205  1.00 64.01  ? 76  LYS A CG  1 
ATOM   478 C CD  . LYS A 1 81  ? 5.709   14.111  -0.621  1.00 77.30  ? 76  LYS A CD  1 
ATOM   479 C CE  . LYS A 1 81  ? 6.601   14.811  -1.640  1.00 83.90  ? 76  LYS A CE  1 
ATOM   480 N NZ  . LYS A 1 81  ? 7.304   15.996  -1.067  1.00 73.48  ? 76  LYS A NZ  1 
ATOM   481 N N   . LYS A 1 82  ? 7.461   9.352   -3.094  1.00 47.21  ? 77  LYS A N   1 
ATOM   482 C CA  . LYS A 1 82  ? 8.077   8.691   -4.238  1.00 41.37  ? 77  LYS A CA  1 
ATOM   483 C C   . LYS A 1 82  ? 7.317   7.431   -4.638  1.00 34.55  ? 77  LYS A C   1 
ATOM   484 O O   . LYS A 1 82  ? 7.115   7.184   -5.829  1.00 50.00  ? 77  LYS A O   1 
ATOM   485 C CB  . LYS A 1 82  ? 9.539   8.364   -3.935  1.00 56.44  ? 77  LYS A CB  1 
ATOM   486 C CG  . LYS A 1 82  ? 10.339  7.930   -5.171  1.00 60.69  ? 77  LYS A CG  1 
ATOM   487 C CD  . LYS A 1 82  ? 11.543  7.096   -4.797  1.00 69.25  ? 77  LYS A CD  1 
ATOM   488 C CE  . LYS A 1 82  ? 11.523  5.732   -5.486  1.00 89.11  ? 77  LYS A CE  1 
ATOM   489 N NZ  . LYS A 1 82  ? 12.660  4.845   -5.054  1.00 86.03  ? 77  LYS A NZ  1 
ATOM   490 N N   . LEU A 1 83  ? 6.879   6.623   -3.662  1.00 38.86  ? 78  LEU A N   1 
ATOM   491 C CA  . LEU A 1 83  ? 5.971   5.519   -3.967  1.00 34.97  ? 78  LEU A CA  1 
ATOM   492 C C   . LEU A 1 83  ? 4.774   6.000   -4.782  1.00 49.97  ? 78  LEU A C   1 
ATOM   493 O O   . LEU A 1 83  ? 4.568   5.569   -5.924  1.00 47.28  ? 78  LEU A O   1 
ATOM   494 C CB  . LEU A 1 83  ? 5.492   4.853   -2.677  1.00 38.39  ? 78  LEU A CB  1 
ATOM   495 C CG  . LEU A 1 83  ? 6.385   3.829   -1.985  1.00 50.11  ? 78  LEU A CG  1 
ATOM   496 C CD1 . LEU A 1 83  ? 5.603   2.920   -1.042  1.00 37.16  ? 78  LEU A CD1 1 
ATOM   497 C CD2 . LEU A 1 83  ? 7.127   3.016   -3.005  1.00 52.22  ? 78  LEU A CD2 1 
ATOM   498 N N   . VAL A 1 84  ? 3.964   6.895   -4.196  1.00 49.58  ? 79  VAL A N   1 
ATOM   499 C CA  . VAL A 1 84  ? 2.801   7.489   -4.861  1.00 44.56  ? 79  VAL A CA  1 
ATOM   500 C C   . VAL A 1 84  ? 3.133   7.858   -6.304  1.00 39.44  ? 79  VAL A C   1 
ATOM   501 O O   . VAL A 1 84  ? 2.429   7.460   -7.237  1.00 47.22  ? 79  VAL A O   1 
ATOM   502 C CB  . VAL A 1 84  ? 2.290   8.726   -4.089  1.00 45.10  ? 79  VAL A CB  1 
ATOM   503 C CG1 . VAL A 1 84  ? 1.140   9.373   -4.831  1.00 46.04  ? 79  VAL A CG1 1 
ATOM   504 C CG2 . VAL A 1 84  ? 1.827   8.331   -2.726  1.00 38.76  ? 79  VAL A CG2 1 
ATOM   505 N N   . SER A 1 85  ? 4.239   8.573   -6.500  1.00 41.65  ? 80  SER A N   1 
ATOM   506 C CA  . SER A 1 85  ? 4.592   9.069   -7.823  1.00 52.57  ? 80  SER A CA  1 
ATOM   507 C C   . SER A 1 85  ? 4.721   7.964   -8.873  1.00 56.44  ? 80  SER A C   1 
ATOM   508 O O   . SER A 1 85  ? 4.609   8.251   -10.067 1.00 58.76  ? 80  SER A O   1 
ATOM   509 C CB  . SER A 1 85  ? 5.896   9.864   -7.734  1.00 47.05  ? 80  SER A CB  1 
ATOM   510 O OG  . SER A 1 85  ? 7.007   9.076   -8.086  1.00 57.89  ? 80  SER A OG  1 
ATOM   511 N N   . ARG A 1 86  ? 4.947   6.718   -8.473  1.00 49.10  ? 81  ARG A N   1 
ATOM   512 C CA  . ARG A 1 86  ? 5.107   5.640   -9.433  1.00 52.79  ? 81  ARG A CA  1 
ATOM   513 C C   . ARG A 1 86  ? 3.969   4.642   -9.411  1.00 49.03  ? 81  ARG A C   1 
ATOM   514 O O   . ARG A 1 86  ? 3.978   3.696   -10.207 1.00 46.85  ? 81  ARG A O   1 
ATOM   515 C CB  . ARG A 1 86  ? 6.425   4.925   -9.179  1.00 48.23  ? 81  ARG A CB  1 
ATOM   516 C CG  . ARG A 1 86  ? 7.525   5.896   -8.846  1.00 62.87  ? 81  ARG A CG  1 
ATOM   517 C CD  . ARG A 1 86  ? 8.495   6.019   -9.990  1.00 79.98  ? 81  ARG A CD  1 
ATOM   518 N NE  . ARG A 1 86  ? 9.138   4.740   -10.255 1.00 75.28  ? 81  ARG A NE  1 
ATOM   519 C CZ  . ARG A 1 86  ? 10.207  4.303   -9.600  1.00 83.86  ? 81  ARG A CZ  1 
ATOM   520 N NH1 . ARG A 1 86  ? 10.754  5.052   -8.648  1.00 83.91  ? 81  ARG A NH1 1 
ATOM   521 N NH2 . ARG A 1 86  ? 10.731  3.124   -9.900  1.00 73.07  ? 81  ARG A NH2 1 
ATOM   522 N N   . LEU A 1 87  ? 2.998   4.817   -8.523  1.00 41.86  ? 82  LEU A N   1 
ATOM   523 C CA  . LEU A 1 87  ? 1.805   3.990   -8.569  1.00 41.87  ? 82  LEU A CA  1 
ATOM   524 C C   . LEU A 1 87  ? 1.106   4.129   -9.910  1.00 37.72  ? 82  LEU A C   1 
ATOM   525 O O   . LEU A 1 87  ? 1.097   5.194   -10.528 1.00 46.55  ? 82  LEU A O   1 
ATOM   526 C CB  . LEU A 1 87  ? 0.821   4.394   -7.477  1.00 40.47  ? 82  LEU A CB  1 
ATOM   527 C CG  . LEU A 1 87  ? 1.110   3.865   -6.093  1.00 49.83  ? 82  LEU A CG  1 
ATOM   528 C CD1 . LEU A 1 87  ? 0.012   4.376   -5.182  1.00 56.85  ? 82  LEU A CD1 1 
ATOM   529 C CD2 . LEU A 1 87  ? 1.130   2.357   -6.143  1.00 41.54  ? 82  LEU A CD2 1 
ATOM   530 N N   . ILE A 1 88  ? 0.470   3.047   -10.328 1.00 41.92  ? 83  ILE A N   1 
ATOM   531 C CA  . ILE A 1 88  ? -0.412  3.039   -11.480 1.00 44.99  ? 83  ILE A CA  1 
ATOM   532 C C   . ILE A 1 88  ? -1.742  2.506   -10.985 1.00 42.99  ? 83  ILE A C   1 
ATOM   533 O O   . ILE A 1 88  ? -1.794  1.414   -10.407 1.00 45.94  ? 83  ILE A O   1 
ATOM   534 C CB  . ILE A 1 88  ? 0.138   2.163   -12.616 1.00 47.89  ? 83  ILE A CB  1 
ATOM   535 C CG1 . ILE A 1 88  ? 1.511   2.668   -13.060 1.00 59.58  ? 83  ILE A CG1 1 
ATOM   536 C CG2 . ILE A 1 88  ? -0.839  2.155   -13.795 1.00 48.49  ? 83  ILE A CG2 1 
ATOM   537 C CD1 . ILE A 1 88  ? 1.488   4.120   -13.547 1.00 61.90  ? 83  ILE A CD1 1 
ATOM   538 N N   . ILE A 1 89  ? -2.808  3.270   -11.179 1.00 49.84  ? 84  ILE A N   1 
ATOM   539 C CA  . ILE A 1 89  ? -4.142  2.836   -10.785 1.00 47.13  ? 84  ILE A CA  1 
ATOM   540 C C   . ILE A 1 89  ? -4.897  2.398   -12.025 1.00 39.99  ? 84  ILE A C   1 
ATOM   541 O O   . ILE A 1 89  ? -4.906  3.104   -13.038 1.00 49.76  ? 84  ILE A O   1 
ATOM   542 C CB  . ILE A 1 89  ? -4.896  3.939   -10.033 1.00 49.35  ? 84  ILE A CB  1 
ATOM   543 C CG1 . ILE A 1 89  ? -4.319  4.036   -8.619  1.00 56.58  ? 84  ILE A CG1 1 
ATOM   544 C CG2 . ILE A 1 89  ? -6.367  3.620   -9.989  1.00 44.28  ? 84  ILE A CG2 1 
ATOM   545 C CD1 . ILE A 1 89  ? -4.668  5.304   -7.904  1.00 64.65  ? 84  ILE A CD1 1 
ATOM   546 N N   . LYS A 1 90  ? -5.493  1.213   -11.953 1.00 42.98  ? 85  LYS A N   1 
ATOM   547 C CA  . LYS A 1 90  ? -6.304  0.656   -13.023 1.00 46.90  ? 85  LYS A CA  1 
ATOM   548 C C   . LYS A 1 90  ? -7.625  0.191   -12.439 1.00 52.27  ? 85  LYS A C   1 
ATOM   549 O O   . LYS A 1 90  ? -7.659  -0.414  -11.364 1.00 44.28  ? 85  LYS A O   1 
ATOM   550 C CB  . LYS A 1 90  ? -5.628  -0.535  -13.706 1.00 45.20  ? 85  LYS A CB  1 
ATOM   551 C CG  . LYS A 1 90  ? -4.195  -0.291  -14.202 1.00 58.05  ? 85  LYS A CG  1 
ATOM   552 C CD  . LYS A 1 90  ? -3.601  -1.588  -14.766 1.00 64.37  ? 85  LYS A CD  1 
ATOM   553 C CE  . LYS A 1 90  ? -2.298  -1.335  -15.533 1.00 78.18  ? 85  LYS A CE  1 
ATOM   554 N NZ  . LYS A 1 90  ? -1.553  -2.606  -15.834 1.00 77.24  ? 85  LYS A NZ  1 
ATOM   555 N N   . LEU A 1 91  ? -8.706  0.462   -13.156 1.00 43.17  ? 86  LEU A N   1 
ATOM   556 C CA  . LEU A 1 91  ? -10.023 -0.060  -12.809 1.00 61.35  ? 86  LEU A CA  1 
ATOM   557 C C   . LEU A 1 91  ? -10.259 -1.377  -13.546 1.00 62.59  ? 86  LEU A C   1 
ATOM   558 O O   . LEU A 1 91  ? -10.166 -1.425  -14.776 1.00 67.06  ? 86  LEU A O   1 
ATOM   559 C CB  . LEU A 1 91  ? -11.096 0.957   -13.176 1.00 48.33  ? 86  LEU A CB  1 
ATOM   560 C CG  . LEU A 1 91  ? -12.551 0.514   -13.147 1.00 63.24  ? 86  LEU A CG  1 
ATOM   561 C CD1 . LEU A 1 91  ? -13.021 0.370   -11.714 1.00 53.87  ? 86  LEU A CD1 1 
ATOM   562 C CD2 . LEU A 1 91  ? -13.360 1.545   -13.879 1.00 64.26  ? 86  LEU A CD2 1 
ATOM   563 N N   . GLY A 1 92  ? -10.564 -2.431  -12.810 1.00 60.56  ? 87  GLY A N   1 
ATOM   564 C CA  . GLY A 1 92  ? -10.784 -3.739  -13.409 1.00 70.10  ? 87  GLY A CA  1 
ATOM   565 C C   . GLY A 1 92  ? -12.115 -4.339  -13.006 1.00 66.85  ? 87  GLY A C   1 
ATOM   566 O O   . GLY A 1 92  ? -12.504 -4.280  -11.841 1.00 69.66  ? 87  GLY A O   1 
ATOM   567 N N   . VAL A 1 93  ? -12.808 -4.920  -13.988 1.00 61.00  ? 88  VAL A N   1 
ATOM   568 C CA  . VAL A 1 93  ? -14.075 -5.618  -13.774 1.00 56.47  ? 88  VAL A CA  1 
ATOM   569 C C   . VAL A 1 93  ? -13.838 -7.120  -13.897 1.00 65.73  ? 88  VAL A C   1 
ATOM   570 O O   . VAL A 1 93  ? -13.260 -7.592  -14.887 1.00 54.36  ? 88  VAL A O   1 
ATOM   571 C CB  . VAL A 1 93  ? -15.161 -5.146  -14.762 1.00 64.08  ? 88  VAL A CB  1 
ATOM   572 C CG1 . VAL A 1 93  ? -14.676 -5.230  -16.202 1.00 68.95  ? 88  VAL A CG1 1 
ATOM   573 C CG2 . VAL A 1 93  ? -16.431 -5.959  -14.581 1.00 65.23  ? 88  VAL A CG2 1 
ATOM   574 N N   . THR A 1 94  ? -14.271 -7.869  -12.886 1.00 58.06  ? 89  THR A N   1 
ATOM   575 C CA  . THR A 1 94  ? -14.156 -9.317  -12.931 1.00 63.49  ? 89  THR A CA  1 
ATOM   576 C C   . THR A 1 94  ? -15.303 -9.914  -13.739 1.00 71.03  ? 89  THR A C   1 
ATOM   577 O O   . THR A 1 94  ? -16.321 -9.269  -14.004 1.00 62.60  ? 89  THR A O   1 
ATOM   578 C CB  . THR A 1 94  ? -14.160 -9.925  -11.526 1.00 62.73  ? 89  THR A CB  1 
ATOM   579 O OG1 . THR A 1 94  ? -15.444 -9.715  -10.920 1.00 74.88  ? 89  THR A OG1 1 
ATOM   580 C CG2 . THR A 1 94  ? -13.081 -9.292  -10.662 1.00 67.93  ? 89  THR A CG2 1 
ATOM   581 N N   . ARG A 1 95  ? -15.125 -11.170 -14.128 1.00 52.62  ? 90  ARG A N   1 
ATOM   582 C CA  . ARG A 1 95  ? -16.125 -11.869 -14.914 1.00 55.35  ? 90  ARG A CA  1 
ATOM   583 C C   . ARG A 1 95  ? -17.297 -12.271 -14.041 1.00 48.36  ? 90  ARG A C   1 
ATOM   584 O O   . ARG A 1 95  ? -17.130 -12.621 -12.871 1.00 64.33  ? 90  ARG A O   1 
ATOM   585 C CB  . ARG A 1 95  ? -15.532 -13.119 -15.551 1.00 52.43  ? 90  ARG A CB  1 
ATOM   586 C CG  . ARG A 1 95  ? -14.435 -12.868 -16.540 1.00 55.04  ? 90  ARG A CG  1 
ATOM   587 C CD  . ARG A 1 95  ? -14.284 -14.087 -17.433 1.00 58.84  ? 90  ARG A CD  1 
ATOM   588 N NE  . ARG A 1 95  ? -13.356 -15.064 -16.873 1.00 47.34  ? 90  ARG A NE  1 
ATOM   589 C CZ  . ARG A 1 95  ? -12.973 -16.169 -17.503 1.00 58.47  ? 90  ARG A CZ  1 
ATOM   590 N NH1 . ARG A 1 95  ? -13.455 -16.454 -18.712 1.00 42.18  ? 90  ARG A NH1 1 
ATOM   591 N NH2 . ARG A 1 95  ? -12.109 -16.992 -16.923 1.00 44.69  ? 90  ARG A NH2 1 
ATOM   592 N N   . SER A 1 96  ? -18.487 -12.226 -14.621 1.00 59.00  ? 91  SER A N   1 
ATOM   593 C CA  . SER A 1 96  ? -19.643 -12.804 -13.967 1.00 56.62  ? 91  SER A CA  1 
ATOM   594 C C   . SER A 1 96  ? -19.523 -14.321 -13.957 1.00 66.68  ? 91  SER A C   1 
ATOM   595 O O   . SER A 1 96  ? -18.765 -14.920 -14.731 1.00 57.50  ? 91  SER A O   1 
ATOM   596 C CB  . SER A 1 96  ? -20.924 -12.408 -14.689 1.00 58.82  ? 91  SER A CB  1 
ATOM   597 O OG  . SER A 1 96  ? -20.894 -12.872 -16.029 1.00 51.49  ? 91  SER A OG  1 
ATOM   598 N N   . GLU A 1 97  ? -20.290 -14.940 -13.063 1.00 55.74  ? 92  GLU A N   1 
ATOM   599 C CA  . GLU A 1 97  ? -20.363 -16.391 -13.058 1.00 58.80  ? 92  GLU A CA  1 
ATOM   600 C C   . GLU A 1 97  ? -20.829 -16.905 -14.408 1.00 61.24  ? 92  GLU A C   1 
ATOM   601 O O   . GLU A 1 97  ? -20.334 -17.925 -14.898 1.00 60.25  ? 92  GLU A O   1 
ATOM   602 C CB  . GLU A 1 97  ? -21.296 -16.850 -11.950 1.00 73.08  ? 92  GLU A CB  1 
ATOM   603 C CG  . GLU A 1 97  ? -20.687 -16.644 -10.596 1.00 83.56  ? 92  GLU A CG  1 
ATOM   604 C CD  . GLU A 1 97  ? -21.176 -17.650 -9.581  1.00 86.27  ? 92  GLU A CD  1 
ATOM   605 O OE1 . GLU A 1 97  ? -20.531 -17.749 -8.518  1.00 74.31  ? 92  GLU A OE1 1 
ATOM   606 O OE2 . GLU A 1 97  ? -22.200 -18.327 -9.838  1.00 86.79  ? 92  GLU A OE2 1 
ATOM   607 N N   . GLU A 1 98  ? -21.749 -16.186 -15.043 1.00 46.40  ? 93  GLU A N   1 
ATOM   608 C CA  . GLU A 1 98  ? -22.231 -16.607 -16.348 1.00 48.07  ? 93  GLU A CA  1 
ATOM   609 C C   . GLU A 1 98  ? -21.094 -16.651 -17.364 1.00 52.23  ? 93  GLU A C   1 
ATOM   610 O O   . GLU A 1 98  ? -21.045 -17.546 -18.214 1.00 63.77  ? 93  GLU A O   1 
ATOM   611 C CB  . GLU A 1 98  ? -23.353 -15.670 -16.811 0.61 57.82  ? 93  GLU A CB  1 
ATOM   612 C CG  . GLU A 1 98  ? -23.496 -15.512 -18.326 0.61 53.45  ? 93  GLU A CG  1 
ATOM   613 C CD  . GLU A 1 98  ? -24.567 -14.494 -18.714 0.61 62.41  ? 93  GLU A CD  1 
ATOM   614 O OE1 . GLU A 1 98  ? -25.464 -14.232 -17.885 0.61 56.86  ? 93  GLU A OE1 1 
ATOM   615 O OE2 . GLU A 1 98  ? -24.516 -13.961 -19.843 0.61 55.54  ? 93  GLU A OE2 1 
ATOM   616 N N   . GLU A 1 99  ? -20.159 -15.708 -17.286 1.00 42.87  ? 94  GLU A N   1 
ATOM   617 C CA  . GLU A 1 99  ? -19.125 -15.632 -18.309 1.00 54.23  ? 94  GLU A CA  1 
ATOM   618 C C   . GLU A 1 99  ? -18.000 -16.626 -18.034 1.00 46.68  ? 94  GLU A C   1 
ATOM   619 O O   . GLU A 1 99  ? -17.430 -17.202 -18.969 1.00 49.69  ? 94  GLU A O   1 
ATOM   620 C CB  . GLU A 1 99  ? -18.585 -14.200 -18.392 1.00 54.98  ? 94  GLU A CB  1 
ATOM   621 C CG  . GLU A 1 99  ? -19.630 -13.168 -18.873 1.00 62.84  ? 94  GLU A CG  1 
ATOM   622 C CD  . GLU A 1 99  ? -19.200 -11.710 -18.656 1.00 71.28  ? 94  GLU A CD  1 
ATOM   623 O OE1 . GLU A 1 99  ? -18.446 -11.430 -17.689 1.00 58.73  ? 94  GLU A OE1 1 
ATOM   624 O OE2 . GLU A 1 99  ? -19.632 -10.836 -19.454 1.00 73.99  ? 94  GLU A OE2 1 
ATOM   625 N N   . ARG A 1 100 ? -17.697 -16.836 -16.753 1.00 42.91  ? 95  ARG A N   1 
ATOM   626 C CA  . ARG A 1 100 ? -16.629 -17.690 -16.251 1.00 54.98  ? 95  ARG A CA  1 
ATOM   627 C C   . ARG A 1 100 ? -17.005 -19.161 -16.245 1.00 54.01  ? 95  ARG A C   1 
ATOM   628 O O   . ARG A 1 100 ? -16.118 -20.011 -16.084 1.00 46.03  ? 95  ARG A O   1 
ATOM   629 C CB  . ARG A 1 100 ? -16.255 -17.257 -14.826 1.00 44.61  ? 95  ARG A CB  1 
ATOM   630 C CG  . ARG A 1 100 ? -14.820 -17.464 -14.482 1.00 61.60  ? 95  ARG A CG  1 
ATOM   631 C CD  . ARG A 1 100 ? -14.434 -16.777 -13.185 1.00 61.56  ? 95  ARG A CD  1 
ATOM   632 N NE  . ARG A 1 100 ? -13.375 -17.533 -12.528 1.00 66.99  ? 95  ARG A NE  1 
ATOM   633 C CZ  . ARG A 1 100 ? -13.606 -18.594 -11.762 1.00 71.71  ? 95  ARG A CZ  1 
ATOM   634 N NH1 . ARG A 1 100 ? -12.600 -19.250 -11.199 1.00 68.46  ? 95  ARG A NH1 1 
ATOM   635 N NH2 . ARG A 1 100 ? -14.855 -18.993 -11.553 1.00 72.65  ? 95  ARG A NH2 1 
ATOM   636 N N   . ALA A 1 101 ? -18.287 -19.475 -16.426 1.00 49.03  ? 96  ALA A N   1 
ATOM   637 C CA  . ALA A 1 101 ? -18.726 -20.861 -16.409 1.00 52.08  ? 96  ALA A CA  1 
ATOM   638 C C   . ALA A 1 101 ? -18.048 -21.641 -17.522 1.00 49.97  ? 96  ALA A C   1 
ATOM   639 O O   . ALA A 1 101 ? -17.774 -21.120 -18.608 1.00 50.48  ? 96  ALA A O   1 
ATOM   640 C CB  . ALA A 1 101 ? -20.244 -20.957 -16.560 1.00 52.96  ? 96  ALA A CB  1 
ATOM   641 N N   . LEU A 1 102 ? -17.768 -22.903 -17.233 1.00 49.03  ? 97  LEU A N   1 
ATOM   642 C CA  . LEU A 1 102 ? -17.104 -23.749 -18.201 1.00 46.92  ? 97  LEU A CA  1 
ATOM   643 C C   . LEU A 1 102 ? -18.045 -24.034 -19.349 1.00 41.20  ? 97  LEU A C   1 
ATOM   644 O O   . LEU A 1 102 ? -19.254 -24.187 -19.157 1.00 48.17  ? 97  LEU A O   1 
ATOM   645 C CB  . LEU A 1 102 ? -16.643 -25.038 -17.530 1.00 49.64  ? 97  LEU A CB  1 
ATOM   646 C CG  . LEU A 1 102 ? -15.856 -24.644 -16.283 1.00 54.68  ? 97  LEU A CG  1 
ATOM   647 C CD1 . LEU A 1 102 ? -16.033 -25.653 -15.156 1.00 61.32  ? 97  LEU A CD1 1 
ATOM   648 C CD2 . LEU A 1 102 ? -14.405 -24.463 -16.643 1.00 49.45  ? 97  LEU A CD2 1 
ATOM   649 N N   . ASP A 1 103 ? -17.486 -24.081 -20.550 1.00 46.37  ? 98  ASP A N   1 
ATOM   650 C CA  . ASP A 1 103 ? -18.259 -24.255 -21.776 1.00 53.10  ? 98  ASP A CA  1 
ATOM   651 C C   . ASP A 1 103 ? -18.673 -25.725 -21.897 1.00 64.10  ? 98  ASP A C   1 
ATOM   652 O O   . ASP A 1 103 ? -18.256 -26.465 -22.791 1.00 67.58  ? 98  ASP A O   1 
ATOM   653 C CB  . ASP A 1 103 ? -17.433 -23.778 -22.967 1.00 58.34  ? 98  ASP A CB  1 
ATOM   654 C CG  . ASP A 1 103 ? -18.194 -23.842 -24.278 1.00 50.72  ? 98  ASP A CG  1 
ATOM   655 O OD1 . ASP A 1 103 ? -19.402 -24.119 -24.237 1.00 56.02  ? 98  ASP A OD1 1 
ATOM   656 O OD2 . ASP A 1 103 ? -17.576 -23.626 -25.346 1.00 57.00  ? 98  ASP A OD2 1 
ATOM   657 N N   . LEU A 1 104 ? -19.519 -26.148 -20.963 1.00 55.64  ? 99  LEU A N   1 
ATOM   658 C CA  . LEU A 1 104 ? -19.802 -27.574 -20.791 1.00 72.42  ? 99  LEU A CA  1 
ATOM   659 C C   . LEU A 1 104 ? -21.140 -27.973 -21.375 1.00 87.97  ? 99  LEU A C   1 
ATOM   660 O O   . LEU A 1 104 ? -22.174 -27.441 -20.967 1.00 90.80  ? 99  LEU A O   1 
ATOM   661 C CB  . LEU A 1 104 ? -19.770 -27.953 -19.310 1.00 72.30  ? 99  LEU A CB  1 
ATOM   662 C CG  . LEU A 1 104 ? -18.384 -28.299 -18.783 1.00 59.48  ? 99  LEU A CG  1 
ATOM   663 C CD1 . LEU A 1 104 ? -18.432 -28.662 -17.317 1.00 56.76  ? 99  LEU A CD1 1 
ATOM   664 C CD2 . LEU A 1 104 ? -17.824 -29.441 -19.607 1.00 70.20  ? 99  LEU A CD2 1 
ATOM   665 O OXT . LEU A 1 104 ? -21.204 -28.844 -22.247 1.00 97.31  ? 99  LEU A OXT 1 
HETATM 666 P P   . PO4 B 2 .   ? -10.899 -15.066 -13.869 0.80 75.99  ? 101 PO4 A P   1 
HETATM 667 O O1  . PO4 B 2 .   ? -12.101 -14.680 -14.684 0.80 64.97  ? 101 PO4 A O1  1 
HETATM 668 O O2  . PO4 B 2 .   ? -11.243 -14.936 -12.402 0.80 72.27  ? 101 PO4 A O2  1 
HETATM 669 O O3  . PO4 B 2 .   ? -9.746  -14.143 -14.200 0.80 77.43  ? 101 PO4 A O3  1 
HETATM 670 O O4  . PO4 B 2 .   ? -10.509 -16.492 -14.193 0.80 59.74  ? 101 PO4 A O4  1 
HETATM 671 O O   . HOH C 3 .   ? 19.318  2.117   6.907   1.00 84.85  ? 201 HOH A O   1 
HETATM 672 O O   . HOH C 3 .   ? 3.140   -10.712 -3.118  1.00 68.62  ? 202 HOH A O   1 
HETATM 673 O O   . HOH C 3 .   ? -1.873  -8.537  3.274   1.00 69.46  ? 203 HOH A O   1 
HETATM 674 O O   . HOH C 3 .   ? -8.013  -2.418  3.368   1.00 60.80  ? 204 HOH A O   1 
HETATM 675 O O   . HOH C 3 .   ? -2.800  5.279   8.972   1.00 63.11  ? 205 HOH A O   1 
HETATM 676 O O   . HOH C 3 .   ? -16.019 15.763  8.982   1.00 52.11  ? 206 HOH A O   1 
HETATM 677 O O   . HOH C 3 .   ? 0.571   -7.721  -1.974  1.00 51.01  ? 207 HOH A O   1 
HETATM 678 O O   . HOH C 3 .   ? -4.930  6.517   9.915   1.00 74.91  ? 208 HOH A O   1 
HETATM 679 O O   . HOH C 3 .   ? 4.781   4.258   -12.769 1.00 47.09  ? 209 HOH A O   1 
HETATM 680 O O   . HOH C 3 .   ? -3.999  -7.112  4.200   1.00 66.21  ? 210 HOH A O   1 
HETATM 681 O O   . HOH C 3 .   ? -2.425  5.597   -12.740 1.00 49.12  ? 211 HOH A O   1 
HETATM 682 O O   . HOH C 3 .   ? 3.384   -12.733 8.014   1.00 71.00  ? 212 HOH A O   1 
HETATM 683 O O   . HOH C 3 .   ? -1.340  -15.971 6.848   1.00 83.96  ? 213 HOH A O   1 
HETATM 684 O O   . HOH C 3 .   ? -0.311  7.073   -12.163 1.00 46.64  ? 214 HOH A O   1 
HETATM 685 O O   . HOH C 3 .   ? 7.628   4.645   -12.690 1.00 58.47  ? 215 HOH A O   1 
HETATM 686 O O   . HOH C 3 .   ? -17.632 -8.790  -16.740 1.00 54.63  ? 216 HOH A O   1 
HETATM 687 O O   . HOH C 3 .   ? -8.195  -18.136 -14.947 1.00 46.36  ? 217 HOH A O   1 
HETATM 688 O O   . HOH C 3 .   ? -1.995  -10.682 14.756  1.00 83.02  ? 218 HOH A O   1 
HETATM 689 O O   . HOH C 3 .   ? 13.792  -1.710  0.090   1.00 57.40  ? 219 HOH A O   1 
HETATM 690 O O   . HOH C 3 .   ? 8.060   7.372   10.841  1.00 65.78  ? 220 HOH A O   1 
HETATM 691 O O   . HOH C 3 .   ? 14.160  -1.661  -2.544  1.00 69.89  ? 221 HOH A O   1 
HETATM 692 O O   . HOH C 3 .   ? 4.180   11.455  2.348   1.00 46.86  ? 222 HOH A O   1 
HETATM 693 O O   . HOH C 3 .   ? -18.668 -19.774 -13.006 1.00 66.52  ? 223 HOH A O   1 
HETATM 694 O O   . HOH C 3 .   ? -11.215 -15.676 -9.061  1.00 69.80  ? 224 HOH A O   1 
HETATM 695 O O   . HOH C 3 .   ? -10.267 -14.629 -18.660 1.00 75.57  ? 225 HOH A O   1 
HETATM 696 O O   . HOH C 3 .   ? 4.238   17.428  -0.249  1.00 82.56  ? 226 HOH A O   1 
HETATM 697 O O   . HOH C 3 .   ? 8.646   4.845   10.240  1.00 66.88  ? 227 HOH A O   1 
HETATM 698 O O   . HOH C 3 .   ? 4.467   15.731  2.142   1.00 61.46  ? 228 HOH A O   1 
HETATM 699 O O   . HOH C 3 .   ? 11.403  -7.677  12.356  1.00 71.01  ? 229 HOH A O   1 
HETATM 700 O O   . HOH C 3 .   ? 9.984   -9.991  12.761  1.00 72.82  ? 230 HOH A O   1 
# 
